data_6ECA
#
_entry.id   6ECA
#
_cell.length_a   154.800
_cell.length_b   154.800
_cell.length_c   241.906
_cell.angle_alpha   90.00
_cell.angle_beta   90.00
_cell.angle_gamma   120.00
#
_symmetry.space_group_name_H-M   'P 61 2 2'
#
loop_
_entity.id
_entity.type
_entity.pdbx_description
1 polymer Beta-glucuronidase
2 non-polymer GLYCEROL
3 non-polymer 'CHLORIDE ION'
4 water water
#
_entity_poly.entity_id   1
_entity_poly.type   'polypeptide(L)'
_entity_poly.pdbx_seq_one_letter_code
;MHHHHHHSSGVDLGTENLYFQSNAMETSLLYPVTNDQRTDQKLDGLWQFKFDEAGEGEKSGWETGFHDGVSMPVPASFND
FFTDKASREYTGDFWYSRNFFVPSAAKGKALFLRFDAVTHRATIFVNGKEIRTHEGGFLPFAADISEAVKYGAENTVVVK
GNNELSREALPAGDTITLRNGKKMVRPFFDFYNYSGLNRSVHLLSLPQERVLDYTTTFALAGNDATVNYTVETNGDAPVT
VSLADADGQVVATAQGKQGALQVQNAHLWQVRNAYLYTLTIQLGDDTQTPLDTYTDRIGIRTIKISGTDILVNDKPIYLK
GFGRHEDSPFAGRAFDLNVEKKDFALMKWIGANSFRTSHYPYDEQVYKIADEEGFLLTDEVPAVGFKMAAAAFLGGLNQS
FFKGPWLKKLHERHIDQIRDLIKRDKNHPSVLAWSLFNEPDTIDENAVPYFKQIFDESKDLDPQGRPRTFTLSEDDTIET
SKVLDFPDFYMLNRYPGWYHFGGYQISDGEAGLRDEMDKWQKAGVKKPVVFTEFGADTEAGLHKLPSVMWTEEYQVEVLK
MFSRVFDDYDFIKGEQVWNLADFQTVEGNMRVNGNKKGIFTRDRQPKAAAFFYHDRWNKLPLDYKAK
;
_entity_poly.pdbx_strand_id   A,B
#
# COMPACT_ATOMS: atom_id res chain seq x y z
N THR A 27 -7.74 -8.49 26.68
CA THR A 27 -8.46 -7.61 27.61
C THR A 27 -9.40 -6.63 26.89
N SER A 28 -8.97 -6.10 25.73
CA SER A 28 -9.91 -5.52 24.79
C SER A 28 -9.30 -5.59 23.40
N LEU A 29 -10.07 -6.11 22.46
CA LEU A 29 -9.65 -6.15 21.06
C LEU A 29 -10.56 -5.33 20.17
N LEU A 30 -11.25 -4.31 20.72
CA LEU A 30 -12.07 -3.46 19.87
C LEU A 30 -11.20 -2.68 18.90
N TYR A 31 -11.71 -2.50 17.69
CA TYR A 31 -10.98 -1.74 16.68
C TYR A 31 -10.99 -0.26 17.04
N PRO A 32 -9.88 0.45 16.86
CA PRO A 32 -9.82 1.86 17.24
C PRO A 32 -10.80 2.73 16.46
N VAL A 33 -11.36 3.73 17.13
CA VAL A 33 -12.25 4.71 16.53
C VAL A 33 -11.79 6.09 16.94
N THR A 34 -12.30 7.12 16.26
CA THR A 34 -11.93 8.50 16.57
C THR A 34 -13.15 9.33 16.91
N ASN A 35 -13.18 9.85 18.14
CA ASN A 35 -14.27 10.71 18.58
C ASN A 35 -13.71 11.55 19.73
N ASP A 36 -14.59 12.19 20.51
CA ASP A 36 -14.04 13.12 21.48
C ASP A 36 -13.47 12.44 22.72
N GLN A 37 -13.80 11.16 22.96
CA GLN A 37 -13.24 10.45 24.10
C GLN A 37 -12.05 9.57 23.76
N ARG A 38 -11.92 9.17 22.49
CA ARG A 38 -10.91 8.19 22.05
C ARG A 38 -10.14 8.78 20.88
N THR A 39 -8.81 8.69 20.92
CA THR A 39 -7.99 9.03 19.76
C THR A 39 -7.32 7.80 19.19
N ASP A 40 -6.77 7.94 18.00
CA ASP A 40 -6.16 6.82 17.29
C ASP A 40 -5.29 7.36 16.16
N GLN A 41 -3.98 7.21 16.30
CA GLN A 41 -3.03 7.73 15.32
C GLN A 41 -2.07 6.64 14.91
N LYS A 42 -1.92 6.43 13.61
CA LYS A 42 -1.09 5.34 13.12
C LYS A 42 0.38 5.73 13.22
N LEU A 43 1.21 4.76 13.59
CA LEU A 43 2.66 4.90 13.55
C LEU A 43 3.27 4.21 12.33
N ASP A 44 2.48 4.03 11.27
CA ASP A 44 2.95 3.44 10.02
C ASP A 44 3.99 4.33 9.36
N GLY A 45 4.83 3.72 8.54
CA GLY A 45 5.87 4.44 7.85
C GLY A 45 7.19 3.68 7.87
N LEU A 46 8.32 4.38 7.89
CA LEU A 46 9.62 3.75 7.83
C LEU A 46 10.19 3.61 9.24
N TRP A 47 10.27 2.39 9.74
CA TRP A 47 11.03 2.13 10.95
C TRP A 47 12.46 1.76 10.61
N GLN A 48 13.29 1.62 11.65
CA GLN A 48 14.63 1.09 11.51
C GLN A 48 14.59 -0.40 11.79
N PHE A 49 15.55 -1.15 11.21
CA PHE A 49 15.46 -2.61 11.20
C PHE A 49 16.84 -3.23 11.26
N LYS A 50 16.97 -4.30 12.05
CA LYS A 50 18.24 -5.02 12.15
C LYS A 50 17.97 -6.48 12.43
N PHE A 51 18.75 -7.36 11.80
CA PHE A 51 18.72 -8.77 12.17
C PHE A 51 19.61 -9.00 13.39
N ASP A 52 19.26 -10.03 14.17
CA ASP A 52 20.01 -10.36 15.38
C ASP A 52 20.26 -11.87 15.42
N GLU A 53 21.01 -12.34 14.42
CA GLU A 53 21.28 -13.77 14.31
C GLU A 53 21.95 -14.30 15.57
N ALA A 54 22.72 -13.47 16.26
CA ALA A 54 23.46 -13.89 17.44
C ALA A 54 22.61 -13.93 18.71
N GLY A 55 21.52 -13.17 18.77
CA GLY A 55 20.79 -13.02 20.02
C GLY A 55 21.46 -12.12 21.03
N GLU A 56 22.17 -11.08 20.57
CA GLU A 56 22.89 -10.16 21.44
C GLU A 56 22.19 -8.81 21.57
N GLY A 57 21.04 -8.65 20.91
CA GLY A 57 20.44 -7.32 20.82
C GLY A 57 20.22 -6.66 22.16
N GLU A 58 19.66 -7.40 23.12
CA GLU A 58 19.39 -6.78 24.42
C GLU A 58 20.68 -6.51 25.19
N LYS A 59 21.64 -7.45 25.16
CA LYS A 59 22.93 -7.19 25.80
C LYS A 59 23.66 -6.02 25.14
N SER A 60 23.30 -5.66 23.91
CA SER A 60 23.95 -4.58 23.20
C SER A 60 23.28 -3.22 23.36
N GLY A 61 22.19 -3.15 24.14
CA GLY A 61 21.50 -1.90 24.34
C GLY A 61 20.59 -1.46 23.22
N TRP A 62 20.10 -2.40 22.42
CA TRP A 62 19.26 -2.03 21.28
C TRP A 62 17.85 -1.70 21.70
N GLU A 63 17.43 -2.12 22.89
CA GLU A 63 16.07 -1.84 23.33
C GLU A 63 15.85 -0.35 23.56
N THR A 64 16.92 0.44 23.68
CA THR A 64 16.79 1.88 23.81
C THR A 64 16.60 2.57 22.48
N GLY A 65 16.47 1.81 21.41
CA GLY A 65 16.32 2.41 20.10
C GLY A 65 17.64 2.51 19.37
N PHE A 66 17.55 2.52 18.03
CA PHE A 66 18.75 2.56 17.22
C PHE A 66 18.42 3.22 15.89
N HIS A 67 19.45 3.72 15.22
CA HIS A 67 19.26 4.25 13.88
C HIS A 67 20.35 3.78 12.90
N ASP A 68 21.10 2.74 13.26
CA ASP A 68 22.19 2.23 12.43
C ASP A 68 21.80 0.98 11.64
N GLY A 69 20.54 0.86 11.26
CA GLY A 69 20.14 -0.29 10.49
C GLY A 69 19.61 0.12 9.13
N VAL A 70 18.61 -0.59 8.66
CA VAL A 70 18.04 -0.35 7.34
C VAL A 70 16.60 0.09 7.52
N SER A 71 16.13 0.97 6.66
CA SER A 71 14.75 1.40 6.75
C SER A 71 13.82 0.29 6.26
N MET A 72 12.70 0.13 6.94
CA MET A 72 11.76 -0.94 6.66
C MET A 72 10.32 -0.41 6.74
N PRO A 73 9.51 -0.62 5.73
CA PRO A 73 8.12 -0.16 5.80
C PRO A 73 7.31 -0.91 6.85
N VAL A 74 6.34 -0.20 7.42
CA VAL A 74 5.33 -0.74 8.32
C VAL A 74 3.98 -0.18 7.89
N PRO A 75 2.95 -1.00 7.69
CA PRO A 75 3.04 -2.45 7.76
C PRO A 75 3.54 -3.05 6.47
N ALA A 76 4.13 -4.24 6.59
CA ALA A 76 4.70 -4.98 5.47
C ALA A 76 5.55 -6.10 6.04
N SER A 77 5.61 -7.24 5.34
CA SER A 77 6.59 -8.27 5.65
C SER A 77 7.97 -7.77 5.24
N PHE A 78 8.98 -8.05 6.05
CA PHE A 78 10.31 -7.58 5.69
C PHE A 78 10.99 -8.46 4.65
N ASN A 79 10.51 -9.69 4.43
CA ASN A 79 11.29 -10.66 3.66
C ASN A 79 11.63 -10.14 2.27
N ASP A 80 10.65 -9.64 1.50
CA ASP A 80 10.91 -9.42 0.08
C ASP A 80 11.67 -8.13 -0.24
N PHE A 81 12.14 -7.38 0.76
CA PHE A 81 12.88 -6.15 0.49
C PHE A 81 14.38 -6.37 0.42
N PHE A 82 14.85 -7.60 0.50
CA PHE A 82 16.27 -7.87 0.49
C PHE A 82 16.63 -8.63 -0.77
N THR A 83 17.81 -8.33 -1.31
CA THR A 83 18.25 -9.00 -2.53
C THR A 83 18.95 -10.32 -2.26
N ASP A 84 19.43 -10.55 -1.04
CA ASP A 84 20.13 -11.79 -0.69
C ASP A 84 19.16 -12.81 -0.10
N LYS A 85 19.39 -14.08 -0.44
CA LYS A 85 18.48 -15.10 0.07
C LYS A 85 18.64 -15.28 1.57
N ALA A 86 19.84 -15.03 2.10
CA ALA A 86 20.06 -15.21 3.54
C ALA A 86 19.15 -14.31 4.35
N SER A 87 18.93 -13.08 3.88
CA SER A 87 17.98 -12.19 4.56
C SER A 87 16.56 -12.66 4.33
N ARG A 88 16.19 -12.91 3.07
CA ARG A 88 14.82 -13.28 2.77
C ARG A 88 14.37 -14.46 3.62
N GLU A 89 15.27 -15.38 3.91
CA GLU A 89 14.96 -16.60 4.63
C GLU A 89 15.27 -16.50 6.11
N TYR A 90 15.74 -15.35 6.59
CA TYR A 90 16.26 -15.22 7.95
C TYR A 90 15.25 -15.75 8.97
N THR A 91 15.77 -16.48 9.96
CA THR A 91 14.93 -17.04 11.02
C THR A 91 15.60 -16.74 12.35
N GLY A 92 14.88 -16.08 13.25
CA GLY A 92 15.44 -15.74 14.55
C GLY A 92 14.89 -14.40 15.08
N ASP A 93 15.75 -13.67 15.78
CA ASP A 93 15.36 -12.43 16.43
C ASP A 93 15.63 -11.25 15.50
N PHE A 94 14.62 -10.41 15.29
CA PHE A 94 14.78 -9.22 14.47
C PHE A 94 14.17 -8.04 15.22
N TRP A 95 14.63 -6.84 14.87
CA TRP A 95 14.33 -5.66 15.68
C TRP A 95 13.83 -4.51 14.83
N TYR A 96 12.73 -3.89 15.26
CA TYR A 96 12.15 -2.69 14.65
C TYR A 96 12.31 -1.53 15.63
N SER A 97 12.69 -0.34 15.14
CA SER A 97 12.80 0.80 16.05
C SER A 97 12.31 2.08 15.40
N ARG A 98 11.64 2.92 16.20
CA ARG A 98 10.98 4.12 15.71
C ARG A 98 10.88 5.15 16.83
N ASN A 99 10.95 6.43 16.47
CA ASN A 99 10.61 7.50 17.39
C ASN A 99 9.18 7.96 17.12
N PHE A 100 8.46 8.33 18.18
CA PHE A 100 7.12 8.84 18.03
C PHE A 100 6.88 9.92 19.08
N PHE A 101 5.88 10.74 18.83
CA PHE A 101 5.59 11.89 19.67
C PHE A 101 4.29 11.64 20.44
N VAL A 102 4.34 11.86 21.74
CA VAL A 102 3.21 11.70 22.66
C VAL A 102 2.71 13.10 23.02
N PRO A 103 1.52 13.50 22.58
CA PRO A 103 1.07 14.87 22.84
C PRO A 103 0.87 15.17 24.34
N SER A 104 1.21 16.40 24.73
CA SER A 104 0.92 16.85 26.09
C SER A 104 -0.54 16.61 26.46
N ALA A 105 -1.46 16.94 25.53
CA ALA A 105 -2.88 16.81 25.77
C ALA A 105 -3.30 15.42 26.23
N ALA A 106 -2.46 14.41 26.03
CA ALA A 106 -2.81 13.03 26.34
C ALA A 106 -2.50 12.62 27.78
N LYS A 107 -1.78 13.47 28.54
CA LYS A 107 -1.52 13.18 29.94
C LYS A 107 -2.85 12.97 30.66
N GLY A 108 -3.00 11.82 31.31
CA GLY A 108 -4.18 11.49 32.06
C GLY A 108 -5.07 10.45 31.41
N LYS A 109 -4.99 10.28 30.11
CA LYS A 109 -5.76 9.21 29.50
C LYS A 109 -4.99 7.89 29.62
N ALA A 110 -5.69 6.78 29.36
CA ALA A 110 -5.03 5.48 29.16
C ALA A 110 -4.35 5.49 27.80
N LEU A 111 -3.03 5.45 27.81
CA LEU A 111 -2.23 5.46 26.59
C LEU A 111 -1.90 4.03 26.16
N PHE A 112 -2.04 3.75 24.86
CA PHE A 112 -1.76 2.41 24.35
C PHE A 112 -0.99 2.45 23.04
N LEU A 113 0.02 1.58 22.93
CA LEU A 113 0.48 1.07 21.65
C LEU A 113 -0.33 -0.18 21.32
N ARG A 114 -1.06 -0.14 20.22
CA ARG A 114 -1.79 -1.28 19.71
C ARG A 114 -1.07 -1.81 18.49
N PHE A 115 -0.60 -3.06 18.56
CA PHE A 115 0.03 -3.74 17.44
C PHE A 115 -0.99 -4.65 16.76
N ASP A 116 -1.32 -4.35 15.50
CA ASP A 116 -2.36 -5.11 14.79
C ASP A 116 -1.91 -6.53 14.43
N ALA A 117 -0.59 -6.76 14.31
CA ALA A 117 -0.03 -8.08 14.08
C ALA A 117 1.49 -8.00 14.04
N VAL A 118 2.18 -8.84 14.81
CA VAL A 118 3.64 -8.96 14.80
C VAL A 118 3.95 -10.44 14.69
N THR A 119 4.51 -10.84 13.55
CA THR A 119 4.63 -12.24 13.16
C THR A 119 6.04 -12.75 13.44
N HIS A 120 6.18 -13.75 14.33
CA HIS A 120 5.08 -14.36 15.11
C HIS A 120 5.09 -14.02 16.62
N ARG A 121 6.22 -13.52 17.12
CA ARG A 121 6.42 -13.29 18.53
C ARG A 121 6.89 -11.85 18.72
N ALA A 122 6.45 -11.20 19.79
CA ALA A 122 6.97 -9.85 20.03
C ALA A 122 7.26 -9.59 21.50
N THR A 123 8.29 -8.80 21.73
CA THR A 123 8.53 -8.10 22.97
C THR A 123 8.51 -6.61 22.67
N ILE A 124 7.77 -5.84 23.46
CA ILE A 124 7.61 -4.40 23.24
C ILE A 124 8.44 -3.66 24.26
N PHE A 125 9.30 -2.75 23.79
CA PHE A 125 10.03 -1.79 24.64
C PHE A 125 9.59 -0.37 24.31
N VAL A 126 9.31 0.43 25.34
CA VAL A 126 9.18 1.87 25.18
C VAL A 126 10.24 2.56 26.02
N ASN A 127 10.89 3.56 25.44
CA ASN A 127 12.02 4.24 26.07
C ASN A 127 12.90 3.25 26.84
N GLY A 128 13.23 2.15 26.17
CA GLY A 128 14.11 1.14 26.71
C GLY A 128 13.50 0.22 27.75
N LYS A 129 12.28 0.49 28.21
CA LYS A 129 11.64 -0.26 29.28
C LYS A 129 10.77 -1.36 28.66
N GLU A 130 10.97 -2.61 29.10
CA GLU A 130 10.17 -3.68 28.55
C GLU A 130 8.76 -3.62 29.08
N ILE A 131 7.78 -3.53 28.19
CA ILE A 131 6.39 -3.36 28.57
C ILE A 131 5.63 -4.67 28.54
N ARG A 132 5.89 -5.53 27.55
CA ARG A 132 4.96 -6.61 27.29
C ARG A 132 5.51 -7.55 26.23
N THR A 133 5.01 -8.78 26.24
CA THR A 133 5.29 -9.75 25.19
C THR A 133 3.97 -10.20 24.57
N HIS A 134 4.06 -10.99 23.50
CA HIS A 134 2.90 -11.51 22.78
C HIS A 134 3.30 -12.72 21.95
N GLU A 135 2.40 -13.71 21.91
CA GLU A 135 2.56 -14.91 21.11
C GLU A 135 1.47 -14.96 20.07
N GLY A 136 1.82 -15.36 18.86
CA GLY A 136 0.85 -15.38 17.78
C GLY A 136 0.98 -14.19 16.88
N GLY A 137 1.06 -14.43 15.57
CA GLY A 137 1.43 -13.37 14.64
C GLY A 137 0.34 -12.85 13.75
N PHE A 138 -0.94 -13.12 14.09
CA PHE A 138 -2.03 -12.69 13.22
C PHE A 138 -3.20 -12.11 13.99
N LEU A 139 -3.06 -11.82 15.27
CA LEU A 139 -4.10 -11.17 16.06
C LEU A 139 -3.54 -9.98 16.80
N PRO A 140 -4.34 -8.93 17.01
CA PRO A 140 -3.82 -7.69 17.59
C PRO A 140 -3.61 -7.79 19.08
N PHE A 141 -2.67 -6.99 19.57
CA PHE A 141 -2.47 -6.85 21.01
C PHE A 141 -2.12 -5.39 21.34
N ALA A 142 -2.42 -4.99 22.55
CA ALA A 142 -2.18 -3.62 22.99
C ALA A 142 -1.27 -3.60 24.20
N ALA A 143 -0.39 -2.59 24.25
CA ALA A 143 0.50 -2.34 25.38
C ALA A 143 0.10 -1.02 26.05
N ASP A 144 -0.14 -1.04 27.36
CA ASP A 144 -0.40 0.20 28.11
C ASP A 144 0.93 0.90 28.40
N ILE A 145 1.14 2.05 27.79
CA ILE A 145 2.39 2.77 27.95
C ILE A 145 2.17 4.06 28.74
N SER A 146 1.09 4.11 29.55
CA SER A 146 0.68 5.35 30.22
C SER A 146 1.79 5.92 31.10
N GLU A 147 2.62 5.07 31.70
CA GLU A 147 3.68 5.54 32.57
C GLU A 147 5.07 5.33 32.00
N ALA A 148 5.21 5.01 30.72
CA ALA A 148 6.55 4.79 30.18
C ALA A 148 7.00 5.90 29.23
N VAL A 149 6.22 6.97 29.11
CA VAL A 149 6.52 8.01 28.13
C VAL A 149 6.75 9.35 28.83
N LYS A 150 7.41 10.25 28.09
CA LYS A 150 7.53 11.65 28.44
C LYS A 150 6.46 12.40 27.64
N TYR A 151 5.38 12.80 28.31
CA TYR A 151 4.34 13.58 27.65
C TYR A 151 4.92 14.90 27.15
N GLY A 152 4.76 15.16 25.86
CA GLY A 152 5.17 16.40 25.24
C GLY A 152 6.49 16.34 24.52
N ALA A 153 7.14 15.18 24.45
CA ALA A 153 8.40 15.05 23.73
C ALA A 153 8.36 13.81 22.85
N GLU A 154 9.49 13.55 22.17
CA GLU A 154 9.67 12.32 21.42
C GLU A 154 9.97 11.17 22.37
N ASN A 155 9.50 10.00 21.99
CA ASN A 155 9.70 8.77 22.73
C ASN A 155 10.14 7.70 21.74
N THR A 156 10.68 6.61 22.26
CA THR A 156 11.15 5.51 21.42
C THR A 156 10.31 4.27 21.63
N VAL A 157 9.99 3.57 20.56
CA VAL A 157 9.39 2.26 20.63
C VAL A 157 10.29 1.30 19.88
N VAL A 158 10.60 0.18 20.50
CA VAL A 158 11.41 -0.86 19.88
C VAL A 158 10.66 -2.17 20.01
N VAL A 159 10.63 -2.94 18.94
CA VAL A 159 9.98 -4.24 18.92
C VAL A 159 11.02 -5.29 18.61
N LYS A 160 11.13 -6.28 19.48
CA LYS A 160 11.97 -7.45 19.24
C LYS A 160 11.06 -8.58 18.78
N GLY A 161 11.11 -8.89 17.48
CA GLY A 161 10.32 -9.95 16.91
C GLY A 161 11.13 -11.21 16.68
N ASN A 162 10.41 -12.34 16.63
CA ASN A 162 10.97 -13.64 16.30
C ASN A 162 10.00 -14.37 15.38
N ASN A 163 10.53 -15.12 14.41
CA ASN A 163 9.70 -15.82 13.43
C ASN A 163 10.04 -17.30 13.35
N GLU A 164 10.66 -17.86 14.38
CA GLU A 164 10.91 -19.30 14.41
C GLU A 164 9.60 -20.07 14.45
N LEU A 165 9.64 -21.30 13.96
CA LEU A 165 8.51 -22.21 14.06
C LEU A 165 8.88 -23.37 14.97
N SER A 166 7.84 -23.98 15.54
CA SER A 166 8.00 -25.18 16.35
C SER A 166 6.64 -25.86 16.44
N ARG A 167 6.63 -27.08 16.94
CA ARG A 167 5.37 -27.77 17.11
C ARG A 167 4.57 -27.27 18.30
N GLU A 168 5.04 -26.23 19.00
CA GLU A 168 4.32 -25.69 20.15
C GLU A 168 3.61 -24.39 19.84
N ALA A 169 3.70 -23.90 18.60
CA ALA A 169 3.10 -22.63 18.24
C ALA A 169 2.32 -22.77 16.95
N LEU A 170 1.27 -21.98 16.82
CA LEU A 170 0.61 -21.90 15.52
C LEU A 170 1.23 -20.79 14.68
N PRO A 171 1.44 -21.00 13.37
CA PRO A 171 1.22 -22.27 12.70
C PRO A 171 2.42 -23.20 12.89
N ALA A 172 2.18 -24.50 12.76
CA ALA A 172 3.15 -25.51 13.19
C ALA A 172 4.27 -25.68 12.17
N GLY A 173 5.48 -25.91 12.67
CA GLY A 173 6.58 -26.25 11.80
C GLY A 173 7.82 -26.52 12.61
N ASP A 174 8.94 -26.67 11.92
CA ASP A 174 10.22 -26.89 12.56
C ASP A 174 11.23 -25.88 12.06
N THR A 175 12.23 -25.62 12.90
CA THR A 175 13.36 -24.79 12.55
C THR A 175 14.60 -25.68 12.54
N ILE A 176 15.36 -25.65 11.44
CA ILE A 176 16.59 -26.43 11.30
C ILE A 176 17.78 -25.49 11.16
N THR A 177 18.95 -26.05 11.46
CA THR A 177 20.23 -25.40 11.19
C THR A 177 20.91 -26.10 10.02
N LEU A 178 21.36 -25.32 9.04
CA LEU A 178 22.13 -25.88 7.95
C LEU A 178 23.55 -26.18 8.41
N ARG A 179 24.23 -27.01 7.61
CA ARG A 179 25.63 -27.31 7.86
C ARG A 179 26.51 -26.06 7.95
N ASN A 180 26.03 -24.90 7.53
CA ASN A 180 26.82 -23.68 7.62
C ASN A 180 26.40 -22.77 8.78
N GLY A 181 25.60 -23.27 9.72
CA GLY A 181 25.21 -22.50 10.88
C GLY A 181 23.89 -21.76 10.74
N LYS A 182 23.49 -21.40 9.53
CA LYS A 182 22.33 -20.54 9.35
C LYS A 182 21.03 -21.26 9.73
N LYS A 183 20.11 -20.52 10.35
CA LYS A 183 18.83 -21.09 10.77
C LYS A 183 17.81 -20.95 9.64
N MET A 184 17.02 -21.99 9.47
CA MET A 184 16.06 -22.02 8.37
C MET A 184 14.80 -22.71 8.84
N VAL A 185 13.65 -22.19 8.40
CA VAL A 185 12.36 -22.71 8.80
C VAL A 185 11.91 -23.77 7.80
N ARG A 186 11.24 -24.81 8.27
CA ARG A 186 10.64 -25.82 7.40
C ARG A 186 9.21 -26.02 7.90
N PRO A 187 8.25 -25.33 7.31
CA PRO A 187 6.88 -25.34 7.85
C PRO A 187 6.14 -26.63 7.54
N PHE A 188 5.08 -26.85 8.31
CA PHE A 188 4.11 -27.91 8.05
C PHE A 188 2.94 -27.40 7.23
N PHE A 189 3.08 -26.23 6.60
CA PHE A 189 2.03 -25.62 5.81
C PHE A 189 2.61 -25.12 4.50
N ASP A 190 1.74 -24.64 3.62
CA ASP A 190 2.18 -24.30 2.27
C ASP A 190 2.75 -22.89 2.15
N PHE A 191 2.02 -21.88 2.66
CA PHE A 191 2.42 -20.49 2.47
C PHE A 191 3.81 -20.19 3.03
N TYR A 192 4.44 -19.15 2.48
CA TYR A 192 5.76 -18.69 2.87
C TYR A 192 5.75 -18.03 4.27
N ASN A 193 6.90 -18.06 4.93
CA ASN A 193 7.01 -17.56 6.31
C ASN A 193 7.23 -16.04 6.34
N TYR A 194 6.29 -15.29 5.77
CA TYR A 194 6.36 -13.82 5.80
C TYR A 194 6.25 -13.32 7.23
N SER A 195 7.18 -12.45 7.64
CA SER A 195 7.35 -12.09 9.04
C SER A 195 7.51 -10.59 9.23
N GLY A 196 7.46 -10.14 10.47
CA GLY A 196 7.66 -8.73 10.77
C GLY A 196 6.36 -8.01 11.13
N LEU A 197 6.40 -6.69 11.00
CA LEU A 197 5.25 -5.86 11.37
C LEU A 197 4.22 -5.86 10.23
N ASN A 198 3.42 -6.92 10.19
CA ASN A 198 2.54 -7.16 9.06
C ASN A 198 1.24 -6.35 9.09
N ARG A 199 0.97 -5.59 10.15
CA ARG A 199 -0.23 -4.77 10.19
C ARG A 199 0.04 -3.50 10.98
N SER A 200 -0.82 -2.50 10.78
CA SER A 200 -0.64 -1.17 11.36
C SER A 200 -0.31 -1.16 12.85
N VAL A 201 0.36 -0.10 13.28
CA VAL A 201 0.60 0.17 14.69
C VAL A 201 -0.13 1.47 15.06
N HIS A 202 -0.98 1.40 16.09
CA HIS A 202 -1.76 2.56 16.52
C HIS A 202 -1.24 3.08 17.85
N LEU A 203 -1.23 4.41 17.99
CA LEU A 203 -1.08 5.08 19.29
C LEU A 203 -2.46 5.56 19.70
N LEU A 204 -3.01 4.98 20.76
CA LEU A 204 -4.36 5.22 21.21
C LEU A 204 -4.39 6.11 22.46
N SER A 205 -5.47 6.87 22.60
CA SER A 205 -5.79 7.61 23.82
C SER A 205 -7.19 7.22 24.27
N LEU A 206 -7.29 6.48 25.35
CA LEU A 206 -8.62 6.03 25.76
C LEU A 206 -9.04 6.63 27.09
N PRO A 207 -10.34 6.70 27.36
CA PRO A 207 -10.80 7.10 28.69
C PRO A 207 -10.37 6.12 29.77
N GLN A 208 -10.30 6.64 31.00
CA GLN A 208 -9.96 5.81 32.16
C GLN A 208 -11.06 4.79 32.46
N GLU A 209 -12.33 5.16 32.27
CA GLU A 209 -13.44 4.22 32.31
C GLU A 209 -14.01 4.10 30.90
N ARG A 210 -14.03 2.89 30.36
CA ARG A 210 -14.26 2.76 28.92
C ARG A 210 -14.96 1.45 28.59
N VAL A 211 -15.56 1.41 27.40
CA VAL A 211 -16.07 0.16 26.86
C VAL A 211 -14.90 -0.75 26.53
N LEU A 212 -15.03 -2.03 26.89
CA LEU A 212 -14.06 -3.08 26.62
C LEU A 212 -14.52 -4.08 25.58
N ASP A 213 -15.82 -4.37 25.56
CA ASP A 213 -16.37 -5.43 24.73
C ASP A 213 -17.86 -5.19 24.61
N TYR A 214 -18.48 -5.77 23.58
CA TYR A 214 -19.92 -5.83 23.51
C TYR A 214 -20.29 -7.02 22.65
N THR A 215 -21.54 -7.45 22.73
CA THR A 215 -22.01 -8.60 21.97
C THR A 215 -23.36 -8.29 21.33
N THR A 216 -23.63 -8.98 20.23
CA THR A 216 -24.90 -8.84 19.54
C THR A 216 -25.41 -10.20 19.14
N THR A 217 -26.72 -10.39 19.27
CA THR A 217 -27.41 -11.54 18.73
C THR A 217 -28.74 -11.03 18.20
N PHE A 218 -29.35 -11.78 17.29
CA PHE A 218 -30.52 -11.27 16.58
C PHE A 218 -31.65 -12.28 16.59
N ALA A 219 -32.86 -11.75 16.54
CA ALA A 219 -34.05 -12.56 16.29
C ALA A 219 -34.91 -11.82 15.29
N LEU A 220 -35.74 -12.57 14.57
CA LEU A 220 -36.66 -11.99 13.61
C LEU A 220 -38.08 -12.39 13.97
N ALA A 221 -39.04 -11.52 13.62
CA ALA A 221 -40.46 -11.81 13.84
C ALA A 221 -41.25 -10.92 12.88
N GLY A 222 -41.78 -11.51 11.82
CA GLY A 222 -42.46 -10.71 10.82
C GLY A 222 -41.48 -9.75 10.18
N ASN A 223 -41.87 -8.48 10.08
CA ASN A 223 -40.99 -7.44 9.58
C ASN A 223 -40.19 -6.76 10.69
N ASP A 224 -40.26 -7.29 11.91
CA ASP A 224 -39.58 -6.70 13.06
C ASP A 224 -38.41 -7.58 13.45
N ALA A 225 -37.44 -6.96 14.14
CA ALA A 225 -36.26 -7.68 14.61
C ALA A 225 -35.91 -7.19 16.00
N THR A 226 -35.02 -7.94 16.66
CA THR A 226 -34.57 -7.63 18.02
C THR A 226 -33.06 -7.78 18.11
N VAL A 227 -32.32 -6.69 18.28
CA VAL A 227 -30.90 -6.81 18.61
C VAL A 227 -30.78 -7.04 20.11
N ASN A 228 -30.11 -8.12 20.49
CA ASN A 228 -29.85 -8.41 21.91
C ASN A 228 -28.38 -8.19 22.21
N TYR A 229 -28.10 -7.16 23.01
CA TYR A 229 -26.74 -6.70 23.23
C TYR A 229 -26.34 -6.95 24.67
N THR A 230 -25.03 -6.80 24.89
CA THR A 230 -24.45 -6.66 26.22
C THR A 230 -23.18 -5.83 26.07
N VAL A 231 -22.74 -5.23 27.16
CA VAL A 231 -21.65 -4.28 27.11
C VAL A 231 -20.75 -4.53 28.31
N GLU A 232 -19.47 -4.76 28.06
CA GLU A 232 -18.48 -4.98 29.11
C GLU A 232 -17.76 -3.66 29.34
N THR A 233 -17.58 -3.31 30.61
CA THR A 233 -17.02 -2.04 31.01
C THR A 233 -16.07 -2.29 32.15
N ASN A 234 -15.17 -1.35 32.42
CA ASN A 234 -14.28 -1.51 33.54
C ASN A 234 -14.61 -0.55 34.69
N GLY A 235 -15.87 -0.12 34.76
CA GLY A 235 -16.36 0.71 35.83
C GLY A 235 -17.84 0.45 36.08
N ASP A 236 -18.49 1.27 36.90
CA ASP A 236 -19.92 1.11 37.21
C ASP A 236 -20.79 2.20 36.60
N ALA A 237 -20.23 3.10 35.80
CA ALA A 237 -21.02 4.19 35.26
C ALA A 237 -22.12 3.63 34.35
N PRO A 238 -23.23 4.36 34.22
CA PRO A 238 -24.37 3.87 33.43
C PRO A 238 -24.04 3.75 31.95
N VAL A 239 -24.77 2.86 31.28
CA VAL A 239 -24.55 2.53 29.88
C VAL A 239 -25.81 2.86 29.08
N THR A 240 -25.59 3.31 27.85
CA THR A 240 -26.67 3.79 27.00
C THR A 240 -26.36 3.41 25.56
N VAL A 241 -27.21 2.59 24.97
CA VAL A 241 -26.97 2.03 23.64
C VAL A 241 -28.07 2.53 22.72
N SER A 242 -27.68 2.97 21.52
CA SER A 242 -28.63 3.44 20.53
C SER A 242 -28.21 2.98 19.14
N LEU A 243 -29.22 2.63 18.34
CA LEU A 243 -29.04 2.11 16.99
C LEU A 243 -29.64 3.10 16.01
N ALA A 244 -28.88 3.47 14.98
CA ALA A 244 -29.37 4.37 13.94
C ALA A 244 -29.28 3.70 12.58
N ASP A 245 -30.20 4.09 11.70
CA ASP A 245 -30.23 3.48 10.38
C ASP A 245 -29.20 4.17 9.47
N ALA A 246 -29.17 3.76 8.19
CA ALA A 246 -28.10 4.20 7.31
C ALA A 246 -28.16 5.68 6.99
N ASP A 247 -29.34 6.30 7.12
CA ASP A 247 -29.48 7.75 6.97
C ASP A 247 -29.26 8.51 8.27
N GLY A 248 -28.88 7.84 9.35
CA GLY A 248 -28.63 8.53 10.59
C GLY A 248 -29.81 8.66 11.54
N GLN A 249 -30.99 8.17 11.15
CA GLN A 249 -32.15 8.24 12.04
C GLN A 249 -32.02 7.19 13.14
N VAL A 250 -32.36 7.57 14.36
CA VAL A 250 -32.30 6.67 15.51
C VAL A 250 -33.59 5.87 15.58
N VAL A 251 -33.47 4.54 15.72
CA VAL A 251 -34.61 3.64 15.73
C VAL A 251 -34.69 2.81 17.01
N ALA A 252 -33.72 2.89 17.91
CA ALA A 252 -33.87 2.17 19.18
C ALA A 252 -32.86 2.65 20.21
N THR A 253 -33.32 2.81 21.45
CA THR A 253 -32.44 3.14 22.57
C THR A 253 -32.66 2.16 23.70
N ALA A 254 -31.67 2.03 24.58
CA ALA A 254 -31.84 1.21 25.76
C ALA A 254 -30.79 1.60 26.78
N GLN A 255 -31.12 1.38 28.05
CA GLN A 255 -30.19 1.63 29.13
C GLN A 255 -29.81 0.31 29.79
N GLY A 256 -28.59 0.25 30.29
CA GLY A 256 -28.14 -0.92 31.00
C GLY A 256 -27.11 -1.73 30.22
N LYS A 257 -26.30 -2.47 30.96
CA LYS A 257 -25.30 -3.31 30.33
C LYS A 257 -25.88 -4.53 29.63
N GLN A 258 -27.14 -4.90 29.88
CA GLN A 258 -27.85 -5.85 29.02
C GLN A 258 -29.17 -5.24 28.60
N GLY A 259 -29.61 -5.58 27.40
CA GLY A 259 -30.84 -5.00 26.91
C GLY A 259 -31.18 -5.50 25.52
N ALA A 260 -32.37 -5.13 25.07
CA ALA A 260 -32.88 -5.56 23.77
C ALA A 260 -33.45 -4.35 23.03
N LEU A 261 -32.91 -4.09 21.85
CA LEU A 261 -33.40 -3.04 20.97
C LEU A 261 -34.44 -3.62 20.01
N GLN A 262 -35.60 -2.96 19.93
CA GLN A 262 -36.71 -3.37 19.08
C GLN A 262 -36.69 -2.52 17.82
N VAL A 263 -36.42 -3.14 16.68
CA VAL A 263 -36.37 -2.42 15.41
C VAL A 263 -37.62 -2.78 14.61
N GLN A 264 -38.49 -1.81 14.44
CA GLN A 264 -39.69 -2.01 13.64
C GLN A 264 -39.34 -1.94 12.16
N ASN A 265 -39.94 -2.82 11.38
CA ASN A 265 -39.76 -2.83 9.92
C ASN A 265 -38.28 -2.73 9.56
N ALA A 266 -37.53 -3.73 10.05
CA ALA A 266 -36.08 -3.70 9.92
C ALA A 266 -35.68 -3.97 8.48
N HIS A 267 -34.55 -3.39 8.05
N HIS A 267 -34.56 -3.37 8.08
CA HIS A 267 -33.95 -3.72 6.75
CA HIS A 267 -33.89 -3.68 6.80
C HIS A 267 -32.87 -4.77 7.02
C HIS A 267 -32.86 -4.79 7.08
N LEU A 268 -33.18 -6.02 6.71
CA LEU A 268 -32.29 -7.13 7.02
C LEU A 268 -31.00 -7.05 6.21
N TRP A 269 -29.92 -7.57 6.80
CA TRP A 269 -28.65 -7.76 6.11
C TRP A 269 -28.75 -9.01 5.25
N GLN A 270 -28.61 -8.85 3.93
CA GLN A 270 -28.80 -9.93 2.96
C GLN A 270 -27.48 -10.25 2.24
N VAL A 271 -27.30 -11.53 1.89
CA VAL A 271 -26.13 -11.96 1.12
C VAL A 271 -25.99 -11.14 -0.16
N ARG A 272 -24.79 -10.60 -0.40
CA ARG A 272 -24.55 -9.72 -1.55
C ARG A 272 -25.56 -8.58 -1.60
N ASN A 273 -26.07 -8.20 -0.42
CA ASN A 273 -27.12 -7.18 -0.31
C ASN A 273 -27.17 -6.65 1.12
N ALA A 274 -26.05 -6.09 1.58
CA ALA A 274 -25.93 -5.71 2.98
C ALA A 274 -26.71 -4.45 3.31
N TYR A 275 -27.15 -4.36 4.56
CA TYR A 275 -27.63 -3.13 5.17
C TYR A 275 -27.08 -3.10 6.59
N LEU A 276 -26.43 -1.99 6.94
CA LEU A 276 -25.69 -1.88 8.19
C LEU A 276 -26.29 -0.76 9.03
N TYR A 277 -26.68 -1.09 10.25
CA TYR A 277 -27.09 -0.11 11.25
C TYR A 277 -25.87 0.31 12.05
N THR A 278 -25.90 1.54 12.57
CA THR A 278 -24.81 2.03 13.41
C THR A 278 -25.20 1.86 14.87
N LEU A 279 -24.37 1.15 15.62
CA LEU A 279 -24.50 0.99 17.06
C LEU A 279 -23.62 2.00 17.77
N THR A 280 -24.18 2.64 18.80
CA THR A 280 -23.46 3.64 19.57
C THR A 280 -23.60 3.32 21.04
N ILE A 281 -22.48 3.01 21.69
CA ILE A 281 -22.44 2.77 23.12
C ILE A 281 -21.89 4.03 23.78
N GLN A 282 -22.54 4.46 24.87
CA GLN A 282 -22.16 5.69 25.54
C GLN A 282 -22.18 5.46 27.04
N LEU A 283 -21.12 5.86 27.73
CA LEU A 283 -21.00 5.71 29.19
C LEU A 283 -21.26 7.02 29.91
N GLY A 284 -21.98 6.92 31.03
CA GLY A 284 -22.24 8.08 31.84
C GLY A 284 -23.73 8.32 31.98
N ASP A 285 -24.13 8.90 33.10
CA ASP A 285 -25.52 9.22 33.36
C ASP A 285 -25.89 10.52 32.66
N ASP A 286 -27.19 10.82 32.66
CA ASP A 286 -27.74 11.94 31.89
C ASP A 286 -27.19 13.31 32.31
N THR A 287 -26.41 13.39 33.40
CA THR A 287 -26.00 14.65 34.00
C THR A 287 -24.54 15.02 33.74
N GLN A 288 -23.65 14.04 33.62
CA GLN A 288 -22.23 14.33 33.54
C GLN A 288 -21.79 14.45 32.09
N THR A 289 -20.56 14.94 31.91
CA THR A 289 -19.90 14.88 30.63
C THR A 289 -19.75 13.42 30.21
N PRO A 290 -20.01 13.09 28.95
CA PRO A 290 -19.84 11.70 28.49
C PRO A 290 -18.44 11.17 28.79
N LEU A 291 -18.39 9.95 29.36
CA LEU A 291 -17.12 9.35 29.76
C LEU A 291 -16.47 8.53 28.65
N ASP A 292 -17.26 7.95 27.75
CA ASP A 292 -16.71 7.15 26.67
C ASP A 292 -17.78 6.98 25.60
N THR A 293 -17.36 7.01 24.33
CA THR A 293 -18.24 6.71 23.22
C THR A 293 -17.59 5.62 22.39
N TYR A 294 -18.36 4.62 21.99
CA TYR A 294 -17.89 3.61 21.05
C TYR A 294 -18.99 3.32 20.06
N THR A 295 -18.61 3.25 18.79
CA THR A 295 -19.56 3.08 17.70
C THR A 295 -19.07 1.98 16.78
N ASP A 296 -20.01 1.18 16.30
CA ASP A 296 -19.69 0.12 15.36
C ASP A 296 -20.89 -0.03 14.43
N ARG A 297 -20.68 -0.78 13.34
CA ARG A 297 -21.73 -1.02 12.36
C ARG A 297 -22.07 -2.50 12.35
N ILE A 298 -23.35 -2.81 12.56
CA ILE A 298 -23.79 -4.19 12.59
C ILE A 298 -24.86 -4.42 11.53
N GLY A 299 -25.07 -5.69 11.23
CA GLY A 299 -26.11 -6.11 10.29
C GLY A 299 -27.07 -7.02 11.01
N ILE A 300 -28.37 -6.81 10.78
CA ILE A 300 -29.40 -7.57 11.45
C ILE A 300 -29.68 -8.80 10.59
N ARG A 301 -29.19 -9.95 11.03
CA ARG A 301 -29.39 -11.19 10.28
C ARG A 301 -29.07 -12.35 11.20
N THR A 302 -29.66 -13.51 10.90
CA THR A 302 -29.49 -14.71 11.72
C THR A 302 -28.86 -15.83 10.91
N ILE A 303 -28.25 -16.79 11.61
CA ILE A 303 -27.57 -17.91 10.99
C ILE A 303 -27.96 -19.18 11.72
N LYS A 304 -28.60 -20.11 11.01
CA LYS A 304 -28.98 -21.39 11.59
C LYS A 304 -28.59 -22.52 10.63
N ILE A 305 -28.03 -23.60 11.19
CA ILE A 305 -27.85 -24.86 10.47
C ILE A 305 -29.08 -25.72 10.75
N SER A 306 -29.94 -25.88 9.76
CA SER A 306 -31.18 -26.65 9.92
C SER A 306 -30.99 -27.98 9.19
N GLY A 307 -30.58 -28.99 9.93
CA GLY A 307 -30.23 -30.26 9.31
C GLY A 307 -29.12 -30.10 8.29
N THR A 308 -29.49 -30.10 7.00
CA THR A 308 -28.52 -30.05 5.92
C THR A 308 -28.52 -28.73 5.17
N ASP A 309 -29.33 -27.76 5.59
CA ASP A 309 -29.32 -26.44 4.99
C ASP A 309 -28.51 -25.47 5.83
N ILE A 310 -27.92 -24.50 5.14
CA ILE A 310 -27.37 -23.30 5.76
C ILE A 310 -28.42 -22.21 5.56
N LEU A 311 -28.94 -21.66 6.66
CA LEU A 311 -30.00 -20.66 6.60
C LEU A 311 -29.43 -19.31 7.02
N VAL A 312 -29.55 -18.32 6.14
CA VAL A 312 -29.34 -16.94 6.49
C VAL A 312 -30.70 -16.27 6.44
N ASN A 313 -31.14 -15.74 7.58
CA ASN A 313 -32.47 -15.18 7.70
C ASN A 313 -33.53 -16.22 7.33
N ASP A 314 -33.32 -17.44 7.79
CA ASP A 314 -34.30 -18.51 7.66
C ASP A 314 -34.55 -18.94 6.21
N LYS A 315 -33.76 -18.45 5.26
CA LYS A 315 -33.84 -19.02 3.92
C LYS A 315 -32.53 -19.75 3.58
N PRO A 316 -32.61 -20.83 2.80
CA PRO A 316 -31.40 -21.59 2.46
C PRO A 316 -30.53 -20.87 1.43
N ILE A 317 -29.21 -20.96 1.65
CA ILE A 317 -28.22 -20.35 0.76
C ILE A 317 -27.34 -21.44 0.15
N TYR A 318 -26.60 -21.05 -0.88
CA TYR A 318 -25.58 -21.88 -1.50
C TYR A 318 -24.29 -21.08 -1.62
N LEU A 319 -23.21 -21.59 -1.04
CA LEU A 319 -21.96 -20.86 -0.95
C LEU A 319 -21.16 -21.00 -2.23
N LYS A 320 -20.62 -19.89 -2.75
CA LYS A 320 -19.69 -19.99 -3.87
C LYS A 320 -18.55 -18.97 -3.69
N GLY A 321 -17.30 -19.44 -3.81
CA GLY A 321 -16.18 -18.55 -3.52
C GLY A 321 -14.85 -19.26 -3.41
N PHE A 322 -13.99 -18.72 -2.53
CA PHE A 322 -12.59 -19.13 -2.36
C PHE A 322 -12.32 -19.26 -0.86
N GLY A 323 -11.15 -19.74 -0.44
CA GLY A 323 -9.97 -20.02 -1.22
C GLY A 323 -8.96 -18.89 -1.22
N ARG A 324 -8.66 -18.23 -0.08
CA ARG A 324 -7.88 -17.00 -0.12
C ARG A 324 -6.63 -17.02 0.74
N HIS A 325 -5.74 -16.08 0.45
CA HIS A 325 -4.60 -15.74 1.30
C HIS A 325 -4.45 -14.23 1.36
N GLU A 326 -3.80 -13.76 2.43
CA GLU A 326 -3.34 -12.38 2.48
C GLU A 326 -1.93 -12.38 1.96
N ASP A 327 -1.79 -12.10 0.66
CA ASP A 327 -0.51 -12.25 -0.05
C ASP A 327 -0.55 -11.30 -1.23
N SER A 328 0.45 -10.43 -1.32
CA SER A 328 0.56 -9.50 -2.43
C SER A 328 2.03 -9.34 -2.78
N PRO A 329 2.35 -8.92 -3.99
CA PRO A 329 3.76 -8.87 -4.40
C PRO A 329 4.63 -8.01 -3.50
N PHE A 330 4.17 -6.82 -3.11
CA PHE A 330 5.05 -5.89 -2.42
C PHE A 330 4.90 -5.88 -0.92
N ALA A 331 3.75 -6.27 -0.39
CA ALA A 331 3.60 -6.24 1.06
C ALA A 331 3.80 -7.60 1.68
N GLY A 332 3.77 -8.66 0.88
CA GLY A 332 3.83 -10.00 1.43
C GLY A 332 2.57 -10.37 2.17
N ARG A 333 2.73 -10.77 3.43
CA ARG A 333 1.60 -11.11 4.28
C ARG A 333 0.84 -9.89 4.76
N ALA A 334 1.44 -8.71 4.67
CA ALA A 334 0.91 -7.51 5.31
C ALA A 334 -0.35 -7.02 4.61
N PHE A 335 -1.27 -6.45 5.39
CA PHE A 335 -2.52 -5.96 4.82
C PHE A 335 -2.28 -4.75 3.92
N ASP A 336 -2.82 -4.81 2.71
CA ASP A 336 -2.76 -3.72 1.75
C ASP A 336 -4.17 -3.45 1.26
N LEU A 337 -4.69 -2.26 1.55
CA LEU A 337 -6.07 -1.94 1.20
C LEU A 337 -6.32 -1.94 -0.30
N ASN A 338 -5.32 -1.59 -1.11
CA ASN A 338 -5.51 -1.63 -2.56
C ASN A 338 -5.78 -3.04 -3.05
N VAL A 339 -4.94 -4.01 -2.63
CA VAL A 339 -5.18 -5.39 -3.02
C VAL A 339 -6.53 -5.86 -2.50
N GLU A 340 -6.89 -5.47 -1.28
CA GLU A 340 -8.13 -5.98 -0.71
C GLU A 340 -9.36 -5.47 -1.48
N LYS A 341 -9.42 -4.17 -1.81
CA LYS A 341 -10.56 -3.70 -2.59
C LYS A 341 -10.56 -4.31 -3.98
N LYS A 342 -9.38 -4.61 -4.53
CA LYS A 342 -9.30 -5.24 -5.84
C LYS A 342 -9.76 -6.69 -5.77
N ASP A 343 -9.31 -7.43 -4.75
CA ASP A 343 -9.82 -8.79 -4.54
C ASP A 343 -11.34 -8.78 -4.39
N PHE A 344 -11.89 -7.76 -3.74
CA PHE A 344 -13.35 -7.71 -3.57
C PHE A 344 -14.05 -7.32 -4.87
N ALA A 345 -13.49 -6.39 -5.64
CA ALA A 345 -14.05 -6.06 -6.95
C ALA A 345 -14.15 -7.31 -7.81
N LEU A 346 -13.12 -8.17 -7.76
CA LEU A 346 -13.12 -9.37 -8.58
C LEU A 346 -14.14 -10.38 -8.07
N MET A 347 -14.23 -10.57 -6.76
CA MET A 347 -15.12 -11.60 -6.23
C MET A 347 -16.58 -11.27 -6.49
N LYS A 348 -16.93 -9.98 -6.55
CA LYS A 348 -18.29 -9.62 -6.94
C LYS A 348 -18.48 -9.81 -8.44
N TRP A 349 -17.52 -9.36 -9.24
CA TRP A 349 -17.58 -9.58 -10.67
C TRP A 349 -17.85 -11.04 -10.99
N ILE A 350 -17.24 -11.95 -10.24
CA ILE A 350 -17.26 -13.36 -10.63
C ILE A 350 -18.50 -14.09 -10.17
N GLY A 351 -19.33 -13.48 -9.33
CA GLY A 351 -20.54 -14.11 -8.84
C GLY A 351 -20.41 -14.78 -7.48
N ALA A 352 -19.21 -14.82 -6.92
CA ALA A 352 -18.96 -15.39 -5.61
C ALA A 352 -19.75 -14.64 -4.52
N ASN A 353 -19.93 -15.31 -3.38
CA ASN A 353 -20.53 -14.66 -2.23
C ASN A 353 -19.88 -15.06 -0.90
N SER A 354 -18.77 -15.80 -0.93
CA SER A 354 -18.15 -16.25 0.31
C SER A 354 -16.65 -16.39 0.10
N PHE A 355 -15.94 -16.51 1.22
CA PHE A 355 -14.55 -16.94 1.16
C PHE A 355 -14.10 -17.31 2.57
N ARG A 356 -13.07 -18.15 2.65
CA ARG A 356 -12.51 -18.60 3.92
C ARG A 356 -11.14 -17.98 4.13
N THR A 357 -10.94 -17.38 5.30
CA THR A 357 -9.70 -16.67 5.61
C THR A 357 -8.59 -17.67 5.94
N SER A 358 -8.29 -18.49 4.96
CA SER A 358 -7.20 -19.44 5.11
C SER A 358 -5.86 -18.70 5.09
N HIS A 359 -4.97 -19.06 6.01
CA HIS A 359 -5.21 -20.00 7.10
C HIS A 359 -4.90 -19.30 8.42
N TYR A 360 -5.53 -18.18 8.65
CA TYR A 360 -5.20 -17.34 9.79
C TYR A 360 -6.16 -16.18 9.77
N PRO A 361 -6.43 -15.55 10.90
CA PRO A 361 -7.26 -14.34 10.90
C PRO A 361 -6.66 -13.28 10.00
N TYR A 362 -7.53 -12.57 9.27
CA TYR A 362 -7.08 -11.48 8.41
C TYR A 362 -7.13 -10.13 9.15
N ASP A 363 -6.52 -9.12 8.53
CA ASP A 363 -6.71 -7.76 9.02
C ASP A 363 -8.20 -7.47 9.21
N GLU A 364 -8.50 -6.62 10.19
CA GLU A 364 -9.89 -6.37 10.55
C GLU A 364 -10.63 -5.60 9.46
N GLN A 365 -9.92 -4.88 8.60
CA GLN A 365 -10.55 -4.21 7.46
C GLN A 365 -11.21 -5.20 6.50
N VAL A 366 -10.70 -6.43 6.44
CA VAL A 366 -11.27 -7.38 5.50
C VAL A 366 -12.73 -7.66 5.86
N TYR A 367 -13.01 -7.74 7.16
CA TYR A 367 -14.36 -8.06 7.60
C TYR A 367 -15.30 -6.88 7.43
N LYS A 368 -14.82 -5.65 7.61
CA LYS A 368 -15.68 -4.49 7.43
C LYS A 368 -16.09 -4.35 5.99
N ILE A 369 -15.18 -4.65 5.06
CA ILE A 369 -15.55 -4.66 3.64
C ILE A 369 -16.52 -5.80 3.38
N ALA A 370 -16.24 -6.98 3.93
CA ALA A 370 -17.19 -8.09 3.84
C ALA A 370 -18.57 -7.68 4.34
N ASP A 371 -18.63 -6.97 5.48
CA ASP A 371 -19.91 -6.48 6.02
C ASP A 371 -20.60 -5.53 5.05
N GLU A 372 -19.85 -4.62 4.44
CA GLU A 372 -20.45 -3.67 3.52
C GLU A 372 -20.86 -4.33 2.20
N GLU A 373 -20.24 -5.44 1.82
CA GLU A 373 -20.50 -6.11 0.56
C GLU A 373 -21.33 -7.38 0.74
N GLY A 374 -21.74 -7.70 1.96
CA GLY A 374 -22.61 -8.84 2.15
C GLY A 374 -22.00 -10.17 1.78
N PHE A 375 -20.71 -10.35 2.04
CA PHE A 375 -20.07 -11.64 1.88
C PHE A 375 -20.16 -12.45 3.17
N LEU A 376 -20.13 -13.78 3.03
CA LEU A 376 -20.09 -14.70 4.17
C LEU A 376 -18.68 -15.24 4.34
N LEU A 377 -18.09 -15.05 5.51
CA LEU A 377 -16.73 -15.45 5.77
C LEU A 377 -16.68 -16.63 6.73
N THR A 378 -15.73 -17.54 6.48
CA THR A 378 -15.38 -18.54 7.47
C THR A 378 -14.06 -18.09 8.09
N ASP A 379 -14.08 -17.84 9.38
CA ASP A 379 -12.97 -17.21 10.09
C ASP A 379 -12.08 -18.32 10.64
N GLU A 380 -10.81 -18.34 10.25
CA GLU A 380 -9.96 -19.48 10.56
C GLU A 380 -8.81 -19.08 11.48
N VAL A 381 -8.58 -19.87 12.51
CA VAL A 381 -7.49 -19.64 13.45
C VAL A 381 -6.28 -20.38 12.89
N PRO A 382 -5.03 -19.98 13.20
CA PRO A 382 -3.88 -20.52 12.46
C PRO A 382 -3.50 -21.92 12.92
N ALA A 383 -4.50 -22.75 13.20
CA ALA A 383 -4.29 -24.15 13.59
C ALA A 383 -4.06 -25.02 12.35
N VAL A 384 -2.96 -24.73 11.66
CA VAL A 384 -2.59 -25.39 10.43
C VAL A 384 -1.30 -26.16 10.66
N GLY A 385 -1.13 -27.24 9.91
CA GLY A 385 0.08 -28.01 10.03
C GLY A 385 0.09 -29.00 11.17
N PHE A 386 -1.08 -29.32 11.72
CA PHE A 386 -1.19 -30.32 12.79
C PHE A 386 -1.09 -31.73 12.23
N LYS A 387 -0.07 -31.97 11.41
CA LYS A 387 0.10 -33.27 10.77
C LYS A 387 1.38 -33.29 9.96
N MET A 388 2.04 -34.46 9.86
CA MET A 388 3.34 -34.59 9.25
C MET A 388 3.30 -35.57 8.08
N ALA A 389 4.32 -35.49 7.21
CA ALA A 389 4.43 -36.43 6.09
C ALA A 389 5.64 -37.36 6.28
N SER A 400 0.58 -39.72 14.81
CA SER A 400 1.90 -39.13 14.66
C SER A 400 1.94 -37.78 15.38
N PHE A 401 1.25 -36.77 14.83
CA PHE A 401 1.38 -35.42 15.37
C PHE A 401 0.71 -35.27 16.73
N PHE A 402 -0.50 -35.79 16.88
CA PHE A 402 -1.16 -35.71 18.17
C PHE A 402 -0.58 -36.68 19.21
N LYS A 403 0.58 -37.28 18.90
CA LYS A 403 1.23 -38.23 19.79
C LYS A 403 2.60 -37.70 20.18
N GLY A 404 2.64 -36.47 20.70
CA GLY A 404 3.89 -35.81 21.02
C GLY A 404 3.77 -34.91 22.25
N PRO A 405 4.90 -34.61 22.90
CA PRO A 405 4.86 -33.77 24.11
C PRO A 405 4.62 -32.30 23.83
N TRP A 406 4.42 -31.92 22.56
CA TRP A 406 4.20 -30.52 22.23
C TRP A 406 2.74 -30.10 22.37
N LEU A 407 1.78 -31.05 22.38
CA LEU A 407 0.37 -30.66 22.41
C LEU A 407 0.06 -29.75 23.60
N LYS A 408 0.64 -30.03 24.76
CA LYS A 408 0.21 -29.30 25.94
C LYS A 408 0.38 -27.78 25.74
N LYS A 409 1.57 -27.33 25.34
CA LYS A 409 1.73 -25.89 25.09
C LYS A 409 1.03 -25.47 23.80
N LEU A 410 1.09 -26.30 22.75
CA LEU A 410 0.32 -26.03 21.55
C LEU A 410 -1.14 -25.76 21.87
N HIS A 411 -1.74 -26.60 22.70
CA HIS A 411 -3.15 -26.41 23.01
C HIS A 411 -3.39 -25.12 23.78
N GLU A 412 -2.52 -24.77 24.73
CA GLU A 412 -2.62 -23.47 25.38
C GLU A 412 -2.77 -22.38 24.35
N ARG A 413 -1.83 -22.30 23.43
CA ARG A 413 -1.83 -21.23 22.44
C ARG A 413 -2.98 -21.38 21.46
N HIS A 414 -3.34 -22.61 21.11
CA HIS A 414 -4.49 -22.83 20.22
C HIS A 414 -5.77 -22.24 20.81
N ILE A 415 -6.22 -22.73 21.96
CA ILE A 415 -7.50 -22.22 22.47
C ILE A 415 -7.43 -20.74 22.85
N ASP A 416 -6.24 -20.22 23.15
CA ASP A 416 -6.13 -18.77 23.39
C ASP A 416 -6.34 -18.00 22.10
N GLN A 417 -5.74 -18.44 20.99
CA GLN A 417 -5.96 -17.74 19.73
C GLN A 417 -7.40 -17.92 19.25
N ILE A 418 -8.04 -19.05 19.55
CA ILE A 418 -9.47 -19.16 19.29
C ILE A 418 -10.24 -18.10 20.07
N ARG A 419 -9.91 -17.94 21.35
CA ARG A 419 -10.63 -16.96 22.18
C ARG A 419 -10.46 -15.55 21.63
N ASP A 420 -9.23 -15.19 21.25
CA ASP A 420 -8.97 -13.85 20.73
C ASP A 420 -9.69 -13.63 19.41
N LEU A 421 -9.71 -14.65 18.55
CA LEU A 421 -10.39 -14.49 17.27
C LEU A 421 -11.88 -14.23 17.48
N ILE A 422 -12.55 -15.10 18.22
CA ILE A 422 -14.00 -14.92 18.39
C ILE A 422 -14.29 -13.60 19.10
N LYS A 423 -13.43 -13.21 20.04
CA LYS A 423 -13.64 -11.94 20.73
C LYS A 423 -13.50 -10.75 19.79
N ARG A 424 -12.65 -10.86 18.77
CA ARG A 424 -12.41 -9.76 17.86
C ARG A 424 -13.51 -9.65 16.81
N ASP A 425 -14.05 -10.79 16.35
CA ASP A 425 -14.88 -10.76 15.15
C ASP A 425 -16.34 -11.15 15.37
N LYS A 426 -16.72 -11.62 16.57
CA LYS A 426 -18.10 -11.70 17.06
C LYS A 426 -19.15 -10.91 16.29
N ASN A 427 -18.97 -9.59 16.19
CA ASN A 427 -20.07 -8.68 15.91
C ASN A 427 -20.25 -8.40 14.43
N HIS A 428 -19.37 -8.92 13.60
CA HIS A 428 -19.48 -8.78 12.16
C HIS A 428 -20.65 -9.58 11.64
N PRO A 429 -21.61 -8.97 10.93
CA PRO A 429 -22.66 -9.77 10.31
C PRO A 429 -22.11 -10.79 9.32
N SER A 430 -20.93 -10.54 8.75
CA SER A 430 -20.44 -11.30 7.62
C SER A 430 -19.71 -12.58 8.03
N VAL A 431 -19.34 -12.73 9.30
CA VAL A 431 -18.71 -13.96 9.76
C VAL A 431 -19.80 -15.01 9.96
N LEU A 432 -19.79 -16.05 9.13
CA LEU A 432 -20.77 -17.14 9.11
C LEU A 432 -20.39 -18.29 10.04
N ALA A 433 -19.11 -18.67 10.07
CA ALA A 433 -18.69 -19.83 10.84
C ALA A 433 -17.23 -19.70 11.26
N TRP A 434 -16.85 -20.46 12.28
CA TRP A 434 -15.48 -20.49 12.77
C TRP A 434 -14.82 -21.79 12.34
N SER A 435 -13.57 -21.69 11.91
CA SER A 435 -12.80 -22.86 11.52
C SER A 435 -11.64 -23.01 12.50
N LEU A 436 -11.56 -24.18 13.15
CA LEU A 436 -10.67 -24.38 14.27
C LEU A 436 -9.42 -25.17 13.93
N PHE A 437 -9.39 -25.83 12.78
CA PHE A 437 -8.20 -26.46 12.24
C PHE A 437 -8.26 -26.36 10.73
N ASN A 438 -7.10 -26.35 10.09
CA ASN A 438 -7.04 -26.64 8.68
C ASN A 438 -6.17 -27.88 8.48
N GLU A 439 -6.76 -28.92 7.89
CA GLU A 439 -6.09 -30.17 7.60
C GLU A 439 -5.31 -30.74 8.79
N PRO A 440 -5.95 -30.89 9.95
CA PRO A 440 -5.32 -31.64 11.03
C PRO A 440 -5.31 -33.12 10.67
N ASP A 441 -4.42 -33.86 11.34
CA ASP A 441 -4.30 -35.30 11.10
C ASP A 441 -5.33 -36.01 11.98
N THR A 442 -6.55 -36.11 11.46
CA THR A 442 -7.65 -36.73 12.18
C THR A 442 -7.71 -38.24 12.01
N ILE A 443 -6.74 -38.85 11.32
CA ILE A 443 -6.80 -40.31 11.13
C ILE A 443 -6.43 -41.04 12.41
N ASP A 444 -5.49 -40.48 13.18
CA ASP A 444 -5.03 -41.10 14.42
C ASP A 444 -6.08 -40.96 15.51
N GLU A 445 -6.34 -42.05 16.23
CA GLU A 445 -7.36 -42.00 17.27
C GLU A 445 -6.99 -41.04 18.40
N ASN A 446 -5.77 -40.53 18.43
CA ASN A 446 -5.33 -39.61 19.47
C ASN A 446 -5.76 -38.18 19.19
N ALA A 447 -6.14 -37.88 17.96
CA ALA A 447 -6.72 -36.57 17.69
C ALA A 447 -8.00 -36.35 18.50
N VAL A 448 -8.62 -37.41 18.99
CA VAL A 448 -10.00 -37.35 19.48
C VAL A 448 -10.05 -36.71 20.85
N PRO A 449 -9.14 -37.02 21.77
CA PRO A 449 -9.09 -36.24 23.02
C PRO A 449 -8.92 -34.76 22.78
N TYR A 450 -7.99 -34.39 21.90
CA TYR A 450 -7.69 -32.99 21.68
C TYR A 450 -8.87 -32.27 21.05
N PHE A 451 -9.54 -32.90 20.09
CA PHE A 451 -10.72 -32.28 19.51
C PHE A 451 -11.79 -32.12 20.58
N LYS A 452 -12.04 -33.20 21.33
CA LYS A 452 -12.98 -33.15 22.45
C LYS A 452 -12.75 -31.91 23.29
N GLN A 453 -11.48 -31.66 23.66
CA GLN A 453 -11.19 -30.55 24.54
C GLN A 453 -11.38 -29.20 23.84
N ILE A 454 -10.77 -29.02 22.65
CA ILE A 454 -10.97 -27.79 21.89
C ILE A 454 -12.46 -27.49 21.70
N PHE A 455 -13.24 -28.51 21.35
CA PHE A 455 -14.63 -28.24 21.07
C PHE A 455 -15.46 -27.97 22.33
N ASP A 456 -15.00 -28.41 23.50
CA ASP A 456 -15.73 -28.08 24.74
C ASP A 456 -15.38 -26.69 25.23
N GLU A 457 -14.11 -26.29 25.08
CA GLU A 457 -13.64 -25.00 25.55
C GLU A 457 -14.01 -23.85 24.64
N SER A 458 -14.54 -24.14 23.45
CA SER A 458 -15.06 -23.09 22.57
C SER A 458 -16.58 -23.09 22.51
N LYS A 459 -17.23 -24.08 23.14
CA LYS A 459 -18.67 -24.29 23.03
C LYS A 459 -19.47 -23.01 23.19
N ASP A 460 -19.13 -22.19 24.20
CA ASP A 460 -19.98 -21.07 24.57
C ASP A 460 -19.25 -19.73 24.45
N LEU A 461 -18.42 -19.57 23.42
CA LEU A 461 -17.70 -18.31 23.26
C LEU A 461 -18.44 -17.34 22.33
N ASP A 462 -18.86 -17.81 21.17
CA ASP A 462 -19.58 -16.96 20.24
C ASP A 462 -21.01 -16.76 20.76
N PRO A 463 -21.42 -15.53 21.09
CA PRO A 463 -22.80 -15.35 21.55
C PRO A 463 -23.83 -15.76 20.52
N GLN A 464 -23.56 -15.51 19.24
CA GLN A 464 -24.49 -15.96 18.21
C GLN A 464 -24.46 -17.48 18.03
N GLY A 465 -23.51 -18.16 18.67
CA GLY A 465 -23.44 -19.61 18.57
C GLY A 465 -23.37 -20.12 17.14
N ARG A 466 -22.58 -19.46 16.29
CA ARG A 466 -22.43 -19.89 14.91
C ARG A 466 -21.70 -21.24 14.84
N PRO A 467 -21.77 -21.91 13.69
CA PRO A 467 -21.23 -23.28 13.60
C PRO A 467 -19.71 -23.31 13.62
N ARG A 468 -19.16 -24.25 14.37
CA ARG A 468 -17.72 -24.47 14.44
C ARG A 468 -17.37 -25.69 13.60
N THR A 469 -16.32 -25.58 12.80
CA THR A 469 -15.97 -26.65 11.90
C THR A 469 -14.47 -26.62 11.66
N PHE A 470 -14.00 -27.39 10.68
CA PHE A 470 -12.60 -27.47 10.29
C PHE A 470 -12.56 -28.18 8.95
N THR A 471 -11.41 -28.10 8.28
CA THR A 471 -11.26 -28.73 6.98
C THR A 471 -10.68 -30.13 7.13
N LEU A 472 -11.24 -31.07 6.37
CA LEU A 472 -10.75 -32.45 6.29
C LEU A 472 -9.87 -32.60 5.06
N SER A 473 -8.64 -33.06 5.25
CA SER A 473 -7.73 -33.22 4.11
C SER A 473 -8.15 -34.40 3.25
N GLU A 474 -7.44 -34.57 2.13
CA GLU A 474 -7.70 -35.70 1.22
C GLU A 474 -7.66 -37.04 1.92
N ASP A 475 -6.76 -37.21 2.89
CA ASP A 475 -6.66 -38.47 3.61
C ASP A 475 -7.77 -38.68 4.63
N ASP A 476 -8.39 -37.61 5.13
CA ASP A 476 -9.45 -37.70 6.12
C ASP A 476 -10.81 -37.74 5.40
N THR A 477 -11.43 -38.91 5.38
CA THR A 477 -12.62 -39.16 4.56
C THR A 477 -13.65 -39.86 5.43
N ILE A 478 -14.85 -40.05 4.85
CA ILE A 478 -15.90 -40.74 5.59
C ILE A 478 -15.39 -42.08 6.13
N GLU A 479 -14.56 -42.77 5.34
CA GLU A 479 -14.05 -44.07 5.76
C GLU A 479 -13.07 -43.94 6.93
N THR A 480 -12.21 -42.93 6.91
CA THR A 480 -11.01 -42.92 7.73
C THR A 480 -10.98 -41.89 8.85
N SER A 481 -11.83 -40.86 8.81
CA SER A 481 -11.75 -39.77 9.77
C SER A 481 -12.36 -40.16 11.11
N LYS A 482 -11.74 -39.71 12.20
CA LYS A 482 -12.17 -40.07 13.55
C LYS A 482 -12.83 -38.91 14.31
N VAL A 483 -13.07 -37.78 13.66
CA VAL A 483 -13.61 -36.60 14.33
C VAL A 483 -14.86 -36.09 13.62
N LEU A 484 -15.59 -36.99 12.97
CA LEU A 484 -16.71 -36.56 12.13
C LEU A 484 -17.93 -36.15 12.94
N ASP A 485 -17.99 -36.48 14.23
CA ASP A 485 -19.09 -36.05 15.08
C ASP A 485 -18.98 -34.58 15.51
N PHE A 486 -17.78 -34.00 15.47
CA PHE A 486 -17.55 -32.70 16.07
C PHE A 486 -18.09 -31.53 15.28
N PRO A 487 -17.76 -31.39 13.99
CA PRO A 487 -18.09 -30.16 13.27
C PRO A 487 -19.58 -29.97 13.12
N ASP A 488 -19.98 -28.72 12.97
CA ASP A 488 -21.39 -28.42 12.80
C ASP A 488 -21.80 -28.57 11.35
N PHE A 489 -20.88 -28.34 10.43
CA PHE A 489 -21.01 -28.77 9.04
C PHE A 489 -19.63 -29.18 8.53
N TYR A 490 -19.62 -29.96 7.46
CA TYR A 490 -18.40 -30.58 6.97
C TYR A 490 -17.73 -29.71 5.91
N MET A 491 -16.44 -29.49 6.05
CA MET A 491 -15.64 -28.77 5.06
C MET A 491 -14.64 -29.76 4.46
N LEU A 492 -14.75 -29.99 3.16
CA LEU A 492 -13.98 -31.02 2.47
C LEU A 492 -12.90 -30.42 1.58
N ASN A 493 -11.68 -30.94 1.69
CA ASN A 493 -10.56 -30.63 0.81
C ASN A 493 -10.26 -31.86 -0.04
N ARG A 494 -10.55 -31.78 -1.33
CA ARG A 494 -10.33 -32.90 -2.21
C ARG A 494 -9.60 -32.43 -3.46
N TYR A 495 -8.62 -33.23 -3.92
CA TYR A 495 -7.81 -32.87 -5.08
C TYR A 495 -7.71 -33.97 -6.13
N PRO A 496 -8.82 -34.62 -6.49
CA PRO A 496 -8.79 -35.51 -7.65
C PRO A 496 -8.38 -34.69 -8.87
N GLY A 497 -7.64 -35.32 -9.77
CA GLY A 497 -7.22 -34.61 -10.94
C GLY A 497 -6.02 -33.72 -10.72
N TRP A 498 -5.45 -33.73 -9.51
CA TRP A 498 -4.21 -32.98 -9.30
C TRP A 498 -3.18 -33.74 -8.48
N TYR A 499 -3.45 -33.93 -7.18
CA TYR A 499 -2.55 -34.75 -6.39
C TYR A 499 -2.82 -36.24 -6.53
N HIS A 500 -3.96 -36.61 -7.12
CA HIS A 500 -4.29 -37.99 -7.43
C HIS A 500 -5.05 -38.05 -8.75
N PHE A 501 -4.78 -39.09 -9.54
CA PHE A 501 -5.39 -39.28 -10.85
C PHE A 501 -5.27 -38.02 -11.71
N GLY A 502 -4.04 -37.53 -11.84
CA GLY A 502 -3.78 -36.43 -12.75
C GLY A 502 -3.90 -36.83 -14.20
N GLY A 503 -4.02 -35.84 -15.06
CA GLY A 503 -3.90 -36.08 -16.50
C GLY A 503 -5.02 -36.94 -17.06
N TYR A 504 -4.65 -37.93 -17.88
CA TYR A 504 -5.65 -38.78 -18.53
C TYR A 504 -6.41 -39.63 -17.51
N GLN A 505 -5.89 -39.75 -16.30
CA GLN A 505 -6.53 -40.52 -15.25
C GLN A 505 -7.71 -39.80 -14.62
N ILE A 506 -7.91 -38.52 -14.94
CA ILE A 506 -8.89 -37.71 -14.23
C ILE A 506 -10.22 -38.43 -14.10
N SER A 507 -10.59 -39.23 -15.11
CA SER A 507 -11.88 -39.90 -15.06
C SER A 507 -11.95 -40.88 -13.90
N ASP A 508 -10.86 -41.60 -13.62
CA ASP A 508 -10.87 -42.46 -12.44
C ASP A 508 -10.91 -41.64 -11.16
N GLY A 509 -10.32 -40.42 -11.17
CA GLY A 509 -10.40 -39.57 -10.00
C GLY A 509 -11.79 -39.03 -9.78
N GLU A 510 -12.52 -38.71 -10.85
CA GLU A 510 -13.92 -38.34 -10.71
C GLU A 510 -14.73 -39.49 -10.13
N ALA A 511 -14.45 -40.70 -10.60
CA ALA A 511 -15.20 -41.86 -10.13
C ALA A 511 -14.93 -42.11 -8.64
N GLY A 512 -13.68 -41.94 -8.21
CA GLY A 512 -13.39 -42.13 -6.79
C GLY A 512 -14.07 -41.09 -5.92
N LEU A 513 -14.16 -39.85 -6.41
CA LEU A 513 -14.82 -38.82 -5.63
C LEU A 513 -16.30 -39.12 -5.48
N ARG A 514 -16.95 -39.62 -6.53
CA ARG A 514 -18.35 -40.02 -6.41
C ARG A 514 -18.48 -41.25 -5.52
N ASP A 515 -17.50 -42.15 -5.56
CA ASP A 515 -17.45 -43.23 -4.58
C ASP A 515 -17.62 -42.67 -3.18
N GLU A 516 -16.70 -41.80 -2.78
CA GLU A 516 -16.77 -41.21 -1.45
C GLU A 516 -18.09 -40.46 -1.25
N MET A 517 -18.58 -39.77 -2.28
CA MET A 517 -19.84 -39.07 -2.09
C MET A 517 -20.99 -40.05 -1.94
N ASP A 518 -20.90 -41.23 -2.57
CA ASP A 518 -21.92 -42.23 -2.37
C ASP A 518 -21.91 -42.73 -0.93
N LYS A 519 -20.72 -42.86 -0.33
CA LYS A 519 -20.64 -43.41 1.02
C LYS A 519 -21.12 -42.41 2.06
N TRP A 520 -20.89 -41.12 1.85
CA TRP A 520 -21.54 -40.09 2.66
C TRP A 520 -23.06 -40.20 2.55
N GLN A 521 -23.57 -40.25 1.32
CA GLN A 521 -25.01 -40.37 1.15
C GLN A 521 -25.53 -41.62 1.83
N LYS A 522 -24.81 -42.73 1.70
CA LYS A 522 -25.22 -43.97 2.38
C LYS A 522 -25.30 -43.75 3.88
N ALA A 523 -24.21 -43.24 4.47
CA ALA A 523 -24.12 -42.99 5.90
C ALA A 523 -25.18 -42.03 6.41
N GLY A 524 -26.10 -41.61 5.56
CA GLY A 524 -27.17 -40.73 5.95
C GLY A 524 -26.64 -39.45 6.56
N VAL A 525 -26.01 -38.63 5.72
CA VAL A 525 -25.39 -37.40 6.18
C VAL A 525 -26.48 -36.38 6.50
N LYS A 526 -26.43 -35.84 7.72
CA LYS A 526 -27.46 -34.91 8.19
C LYS A 526 -26.96 -33.48 8.31
N LYS A 527 -25.66 -33.26 8.41
CA LYS A 527 -25.05 -31.93 8.42
C LYS A 527 -24.67 -31.54 6.99
N PRO A 528 -24.53 -30.23 6.72
CA PRO A 528 -24.17 -29.79 5.37
C PRO A 528 -22.73 -30.10 5.03
N VAL A 529 -22.46 -30.17 3.73
CA VAL A 529 -21.14 -30.46 3.18
C VAL A 529 -20.74 -29.29 2.28
N VAL A 530 -19.53 -28.78 2.49
CA VAL A 530 -18.99 -27.68 1.70
C VAL A 530 -17.59 -28.04 1.25
N PHE A 531 -17.36 -28.00 -0.06
CA PHE A 531 -16.02 -28.21 -0.62
C PHE A 531 -15.24 -26.92 -0.51
N THR A 532 -14.08 -26.98 0.16
CA THR A 532 -13.36 -25.77 0.53
C THR A 532 -11.94 -25.74 -0.02
N GLU A 533 -11.48 -26.82 -0.65
CA GLU A 533 -10.30 -26.78 -1.48
C GLU A 533 -10.42 -27.79 -2.60
N PHE A 534 -10.04 -27.37 -3.79
CA PHE A 534 -9.94 -28.22 -4.97
C PHE A 534 -9.39 -27.34 -6.07
N GLY A 535 -8.86 -27.97 -7.11
CA GLY A 535 -8.28 -27.16 -8.16
C GLY A 535 -7.02 -27.73 -8.78
N ALA A 536 -6.17 -26.84 -9.32
CA ALA A 536 -5.07 -27.27 -10.18
C ALA A 536 -4.09 -26.11 -10.40
N ASP A 537 -2.80 -26.36 -10.21
CA ASP A 537 -1.81 -25.35 -10.57
C ASP A 537 -1.90 -25.03 -12.06
N THR A 538 -1.78 -23.75 -12.40
CA THR A 538 -1.96 -23.30 -13.78
C THR A 538 -1.01 -22.16 -14.08
N GLU A 539 -0.11 -22.34 -15.03
CA GLU A 539 0.82 -21.27 -15.40
C GLU A 539 0.15 -20.44 -16.49
N ALA A 540 -0.28 -19.22 -16.14
CA ALA A 540 -0.93 -18.35 -17.12
C ALA A 540 -0.06 -18.25 -18.37
N GLY A 541 -0.63 -18.64 -19.51
CA GLY A 541 0.10 -18.68 -20.77
C GLY A 541 0.35 -20.06 -21.33
N LEU A 542 0.39 -21.08 -20.48
CA LEU A 542 0.56 -22.47 -20.93
C LEU A 542 -0.73 -22.95 -21.57
N HIS A 543 -0.72 -23.16 -22.89
CA HIS A 543 -1.86 -23.72 -23.60
C HIS A 543 -1.48 -25.01 -24.31
N LYS A 544 -2.41 -25.96 -24.32
CA LYS A 544 -2.24 -27.19 -25.06
C LYS A 544 -3.61 -27.69 -25.45
N LEU A 545 -3.70 -28.28 -26.64
CA LEU A 545 -4.87 -28.99 -27.13
C LEU A 545 -4.40 -30.33 -27.68
N PRO A 546 -4.80 -31.46 -27.08
CA PRO A 546 -5.55 -31.53 -25.83
C PRO A 546 -4.70 -31.04 -24.65
N SER A 547 -5.29 -30.90 -23.47
CA SER A 547 -4.62 -30.25 -22.37
C SER A 547 -3.58 -31.16 -21.72
N VAL A 548 -2.70 -30.54 -20.93
CA VAL A 548 -1.81 -31.22 -20.00
C VAL A 548 -1.84 -30.45 -18.70
N MET A 549 -1.53 -31.13 -17.61
CA MET A 549 -1.58 -30.46 -16.33
C MET A 549 -0.64 -29.26 -16.37
N TRP A 550 -1.15 -28.12 -15.90
CA TRP A 550 -0.44 -26.85 -15.75
C TRP A 550 -0.91 -25.85 -16.79
N THR A 551 -1.75 -26.27 -17.72
CA THR A 551 -2.25 -25.37 -18.74
C THR A 551 -3.55 -24.75 -18.29
N GLU A 552 -3.91 -23.66 -18.96
CA GLU A 552 -5.16 -23.00 -18.63
C GLU A 552 -6.36 -23.88 -18.97
N GLU A 553 -6.28 -24.67 -20.03
CA GLU A 553 -7.42 -25.51 -20.41
C GLU A 553 -7.66 -26.61 -19.39
N TYR A 554 -6.59 -27.24 -18.90
CA TYR A 554 -6.75 -28.32 -17.94
C TYR A 554 -7.46 -27.82 -16.68
N GLN A 555 -7.06 -26.65 -16.18
CA GLN A 555 -7.75 -26.07 -15.04
C GLN A 555 -9.25 -25.99 -15.27
N VAL A 556 -9.68 -25.40 -16.40
CA VAL A 556 -11.11 -25.37 -16.70
C VAL A 556 -11.67 -26.78 -16.73
N GLU A 557 -10.94 -27.72 -17.34
CA GLU A 557 -11.45 -29.08 -17.38
C GLU A 557 -11.65 -29.65 -15.98
N VAL A 558 -10.68 -29.41 -15.09
CA VAL A 558 -10.79 -29.90 -13.72
C VAL A 558 -11.97 -29.25 -13.00
N LEU A 559 -12.09 -27.93 -13.11
CA LEU A 559 -13.18 -27.24 -12.42
C LEU A 559 -14.55 -27.68 -12.97
N LYS A 560 -14.63 -27.99 -14.27
CA LYS A 560 -15.89 -28.49 -14.79
C LYS A 560 -16.24 -29.84 -14.19
N MET A 561 -15.24 -30.72 -14.06
CA MET A 561 -15.42 -32.03 -13.45
C MET A 561 -15.99 -31.88 -12.04
N PHE A 562 -15.29 -31.16 -11.16
CA PHE A 562 -15.80 -30.95 -9.81
C PHE A 562 -17.23 -30.42 -9.83
N SER A 563 -17.56 -29.54 -10.78
CA SER A 563 -18.92 -29.02 -10.85
C SER A 563 -19.93 -30.13 -11.12
N ARG A 564 -19.66 -30.95 -12.14
CA ARG A 564 -20.51 -32.10 -12.42
C ARG A 564 -20.77 -32.92 -11.16
N VAL A 565 -19.73 -33.16 -10.36
CA VAL A 565 -19.90 -33.95 -9.15
C VAL A 565 -20.76 -33.19 -8.14
N PHE A 566 -20.42 -31.93 -7.86
CA PHE A 566 -21.17 -31.16 -6.86
C PHE A 566 -22.65 -31.12 -7.17
N ASP A 567 -23.03 -31.16 -8.46
CA ASP A 567 -24.42 -30.94 -8.83
C ASP A 567 -25.28 -32.18 -8.72
N ASP A 568 -24.68 -33.35 -8.47
CA ASP A 568 -25.43 -34.59 -8.36
C ASP A 568 -25.67 -35.01 -6.92
N TYR A 569 -25.46 -34.12 -5.95
CA TYR A 569 -25.63 -34.47 -4.56
C TYR A 569 -26.25 -33.30 -3.79
N ASP A 570 -27.28 -33.58 -3.00
CA ASP A 570 -28.04 -32.51 -2.38
C ASP A 570 -27.41 -32.04 -1.08
N PHE A 571 -26.73 -32.90 -0.35
CA PHE A 571 -26.09 -32.43 0.86
C PHE A 571 -24.94 -31.46 0.57
N ILE A 572 -24.45 -31.43 -0.66
CA ILE A 572 -23.39 -30.50 -1.02
C ILE A 572 -24.02 -29.11 -1.16
N LYS A 573 -23.67 -28.20 -0.24
CA LYS A 573 -24.25 -26.86 -0.17
C LYS A 573 -23.25 -25.74 -0.42
N GLY A 574 -22.06 -26.05 -0.93
CA GLY A 574 -21.11 -24.99 -1.25
C GLY A 574 -19.81 -25.40 -1.92
N GLU A 575 -19.35 -24.55 -2.84
CA GLU A 575 -18.08 -24.74 -3.52
C GLU A 575 -17.20 -23.51 -3.30
N GLN A 576 -16.10 -23.69 -2.59
CA GLN A 576 -15.09 -22.66 -2.39
C GLN A 576 -13.80 -23.20 -3.02
N VAL A 577 -13.46 -22.71 -4.22
CA VAL A 577 -12.31 -23.23 -4.95
C VAL A 577 -11.03 -22.65 -4.37
N TRP A 578 -9.95 -23.42 -4.49
CA TRP A 578 -8.61 -23.02 -4.14
C TRP A 578 -7.87 -22.80 -5.44
N ASN A 579 -7.41 -21.58 -5.69
CA ASN A 579 -7.34 -20.49 -4.76
C ASN A 579 -7.78 -19.20 -5.49
N LEU A 580 -8.00 -18.06 -4.80
CA LEU A 580 -8.42 -16.85 -5.51
C LEU A 580 -7.29 -16.28 -6.36
N ALA A 581 -6.09 -16.18 -5.81
CA ALA A 581 -4.96 -15.62 -6.55
C ALA A 581 -3.69 -16.40 -6.23
N ASP A 582 -2.80 -16.54 -7.22
CA ASP A 582 -1.50 -17.17 -6.99
C ASP A 582 -0.80 -16.50 -5.82
N PHE A 583 -0.38 -17.28 -4.82
CA PHE A 583 0.24 -16.73 -3.63
C PHE A 583 1.61 -17.34 -3.39
N GLN A 584 2.41 -16.67 -2.58
CA GLN A 584 3.80 -17.09 -2.44
C GLN A 584 3.91 -18.23 -1.44
N THR A 585 5.00 -18.98 -1.57
CA THR A 585 5.14 -20.30 -0.99
C THR A 585 6.63 -20.57 -0.73
N VAL A 586 6.89 -21.59 0.09
CA VAL A 586 8.26 -22.04 0.28
C VAL A 586 8.84 -22.53 -1.06
N GLU A 587 10.15 -22.41 -1.24
CA GLU A 587 10.76 -22.98 -2.44
C GLU A 587 10.63 -24.50 -2.45
N GLY A 588 10.28 -25.06 -3.59
CA GLY A 588 10.29 -26.51 -3.79
C GLY A 588 10.14 -26.85 -5.25
N ASN A 589 10.53 -28.08 -5.59
CA ASN A 589 10.47 -28.45 -7.00
C ASN A 589 9.05 -28.56 -7.54
N MET A 590 8.03 -28.58 -6.67
CA MET A 590 6.64 -28.56 -7.11
C MET A 590 6.01 -27.19 -7.02
N ARG A 591 6.76 -26.19 -6.62
CA ARG A 591 6.26 -24.83 -6.45
C ARG A 591 6.90 -23.97 -7.53
N VAL A 592 6.13 -23.67 -8.58
CA VAL A 592 6.70 -22.87 -9.66
C VAL A 592 6.61 -21.42 -9.25
N ASN A 593 7.58 -20.96 -8.47
CA ASN A 593 7.53 -19.65 -7.84
C ASN A 593 6.18 -19.45 -7.15
N GLY A 594 6.00 -20.22 -6.08
CA GLY A 594 4.78 -20.15 -5.30
C GLY A 594 3.67 -21.03 -5.85
N ASN A 595 2.57 -21.05 -5.09
CA ASN A 595 1.37 -21.74 -5.52
C ASN A 595 0.81 -21.10 -6.78
N LYS A 596 0.18 -21.91 -7.62
CA LYS A 596 -0.37 -21.45 -8.89
C LYS A 596 -1.80 -21.96 -9.12
N LYS A 597 -2.47 -22.47 -8.08
CA LYS A 597 -3.83 -22.97 -8.19
C LYS A 597 -4.86 -21.85 -8.27
N GLY A 598 -4.40 -20.61 -8.43
CA GLY A 598 -5.31 -19.48 -8.35
C GLY A 598 -6.10 -19.26 -9.63
N ILE A 599 -7.37 -18.91 -9.44
CA ILE A 599 -8.19 -18.47 -10.56
C ILE A 599 -7.62 -17.21 -11.19
N PHE A 600 -7.01 -16.33 -10.40
CA PHE A 600 -6.34 -15.14 -10.90
C PHE A 600 -4.84 -15.20 -10.64
N THR A 601 -4.09 -14.45 -11.43
CA THR A 601 -2.64 -14.38 -11.25
C THR A 601 -2.29 -13.59 -9.98
N ARG A 602 -1.03 -13.73 -9.53
CA ARG A 602 -0.64 -12.95 -8.36
C ARG A 602 -0.80 -11.46 -8.57
N ASP A 603 -0.82 -10.96 -9.82
CA ASP A 603 -1.13 -9.58 -10.13
C ASP A 603 -2.63 -9.32 -10.29
N ARG A 604 -3.48 -10.34 -10.11
CA ARG A 604 -4.93 -10.19 -10.10
C ARG A 604 -5.53 -9.99 -11.50
N GLN A 605 -4.90 -10.54 -12.52
CA GLN A 605 -5.58 -10.68 -13.80
C GLN A 605 -6.14 -12.09 -13.93
N PRO A 606 -7.16 -12.27 -14.77
CA PRO A 606 -7.83 -13.58 -14.88
C PRO A 606 -7.08 -14.59 -15.73
N LYS A 607 -7.11 -15.85 -15.29
CA LYS A 607 -6.87 -16.97 -16.18
C LYS A 607 -8.20 -17.42 -16.78
N ALA A 608 -8.12 -18.25 -17.83
CA ALA A 608 -9.34 -18.73 -18.47
C ALA A 608 -10.36 -19.25 -17.45
N ALA A 609 -9.91 -19.86 -16.35
CA ALA A 609 -10.84 -20.37 -15.35
C ALA A 609 -11.62 -19.27 -14.66
N ALA A 610 -11.12 -18.04 -14.66
CA ALA A 610 -11.92 -16.91 -14.17
C ALA A 610 -13.26 -16.85 -14.88
N PHE A 611 -13.25 -16.97 -16.20
CA PHE A 611 -14.47 -16.78 -16.97
C PHE A 611 -15.42 -17.95 -16.87
N PHE A 612 -14.92 -19.13 -16.51
CA PHE A 612 -15.81 -20.27 -16.30
C PHE A 612 -16.70 -20.06 -15.09
N TYR A 613 -16.11 -19.64 -13.97
CA TYR A 613 -16.91 -19.33 -12.79
C TYR A 613 -17.76 -18.08 -12.98
N HIS A 614 -17.23 -17.08 -13.69
CA HIS A 614 -18.04 -15.90 -13.99
C HIS A 614 -19.32 -16.29 -14.70
N ASP A 615 -19.25 -17.27 -15.59
CA ASP A 615 -20.44 -17.79 -16.23
C ASP A 615 -21.28 -18.60 -15.25
N ARG A 616 -20.67 -19.59 -14.60
CA ARG A 616 -21.41 -20.51 -13.77
C ARG A 616 -22.00 -19.83 -12.54
N TRP A 617 -21.18 -19.10 -11.77
CA TRP A 617 -21.64 -18.60 -10.49
C TRP A 617 -22.70 -17.52 -10.63
N ASN A 618 -22.65 -16.71 -11.69
CA ASN A 618 -23.68 -15.70 -11.91
C ASN A 618 -24.96 -16.29 -12.47
N LYS A 619 -25.07 -17.62 -12.55
CA LYS A 619 -26.31 -18.28 -12.95
C LYS A 619 -26.89 -19.15 -11.85
N LEU A 620 -26.12 -19.48 -10.82
CA LEU A 620 -26.67 -20.19 -9.68
C LEU A 620 -27.30 -19.19 -8.71
N PRO A 621 -28.61 -19.28 -8.46
CA PRO A 621 -29.25 -18.38 -7.49
C PRO A 621 -28.73 -18.62 -6.09
N LEU A 622 -29.03 -17.67 -5.19
CA LEU A 622 -28.54 -17.80 -3.83
C LEU A 622 -29.18 -18.98 -3.11
N ASP A 623 -30.29 -19.53 -3.62
CA ASP A 623 -30.96 -20.67 -2.99
C ASP A 623 -30.82 -21.96 -3.78
N TYR A 624 -29.84 -22.04 -4.68
CA TYR A 624 -29.56 -23.26 -5.44
C TYR A 624 -29.69 -24.50 -4.55
N LYS A 625 -30.54 -25.44 -4.97
CA LYS A 625 -30.67 -26.73 -4.30
C LYS A 625 -31.62 -26.69 -3.11
N ALA A 626 -32.88 -26.33 -3.36
CA ALA A 626 -33.80 -26.09 -2.25
C ALA A 626 -35.28 -26.25 -2.65
N MET B 25 -0.55 30.11 -5.84
CA MET B 25 -0.12 30.98 -4.76
C MET B 25 -0.28 30.27 -3.42
N GLU B 26 0.22 29.04 -3.31
CA GLU B 26 0.06 28.25 -2.10
C GLU B 26 0.88 28.87 -0.97
N THR B 27 0.21 29.23 0.13
CA THR B 27 0.88 29.92 1.23
C THR B 27 1.96 29.05 1.89
N SER B 28 1.82 27.73 1.83
CA SER B 28 2.81 26.89 2.49
C SER B 28 2.66 25.44 2.05
N LEU B 29 3.80 24.82 1.75
CA LEU B 29 3.88 23.42 1.36
C LEU B 29 4.80 22.64 2.30
N LEU B 30 5.01 23.12 3.52
CA LEU B 30 5.80 22.36 4.48
C LEU B 30 5.16 21.00 4.70
N TYR B 31 6.00 19.95 4.88
CA TYR B 31 5.43 18.62 5.07
C TYR B 31 4.90 18.48 6.50
N PRO B 32 3.73 17.88 6.70
CA PRO B 32 3.17 17.79 8.05
C PRO B 32 4.11 17.13 9.02
N VAL B 33 4.16 17.69 10.23
CA VAL B 33 4.90 17.10 11.33
C VAL B 33 3.97 17.05 12.53
N THR B 34 4.37 16.27 13.53
CA THR B 34 3.61 16.13 14.76
C THR B 34 4.51 16.54 15.92
N ASN B 35 4.07 17.53 16.69
CA ASN B 35 4.67 17.92 17.95
C ASN B 35 3.57 18.51 18.82
N ASP B 36 3.94 19.30 19.83
CA ASP B 36 2.92 19.82 20.73
C ASP B 36 2.15 21.00 20.15
N GLN B 37 2.69 21.66 19.11
CA GLN B 37 2.00 22.77 18.45
C GLN B 37 1.34 22.38 17.14
N ARG B 38 1.70 21.24 16.55
CA ARG B 38 1.20 20.83 15.24
C ARG B 38 0.68 19.40 15.32
N THR B 39 -0.54 19.20 14.82
CA THR B 39 -1.11 17.86 14.69
C THR B 39 -1.32 17.53 13.23
N ASP B 40 -1.31 16.23 12.94
CA ASP B 40 -1.52 15.74 11.58
C ASP B 40 -2.09 14.34 11.68
N GLN B 41 -3.36 14.19 11.32
CA GLN B 41 -4.01 12.90 11.25
C GLN B 41 -4.40 12.64 9.80
N LYS B 42 -4.08 11.45 9.31
CA LYS B 42 -4.39 11.09 7.94
C LYS B 42 -5.86 10.71 7.83
N LEU B 43 -6.46 11.09 6.72
CA LEU B 43 -7.82 10.68 6.39
C LEU B 43 -7.84 9.55 5.38
N ASP B 44 -6.70 8.91 5.12
CA ASP B 44 -6.63 7.76 4.23
C ASP B 44 -7.59 6.66 4.72
N GLY B 45 -7.94 5.77 3.81
CA GLY B 45 -8.90 4.72 4.10
C GLY B 45 -9.87 4.61 2.96
N LEU B 46 -11.06 4.08 3.24
CA LEU B 46 -12.09 3.91 2.23
C LEU B 46 -13.02 5.10 2.18
N TRP B 47 -13.20 5.66 1.00
CA TRP B 47 -14.15 6.75 0.77
C TRP B 47 -15.32 6.27 -0.09
N GLN B 48 -16.40 7.03 -0.05
CA GLN B 48 -17.46 6.86 -1.02
C GLN B 48 -17.05 7.50 -2.33
N PHE B 49 -17.49 6.92 -3.44
CA PHE B 49 -17.02 7.35 -4.76
C PHE B 49 -18.15 7.21 -5.79
N LYS B 50 -18.38 8.27 -6.57
CA LYS B 50 -19.35 8.21 -7.65
C LYS B 50 -18.85 8.97 -8.87
N PHE B 51 -19.13 8.41 -10.06
CA PHE B 51 -18.92 9.06 -11.35
C PHE B 51 -20.03 10.08 -11.61
N ASP B 52 -19.73 11.07 -12.45
CA ASP B 52 -20.72 12.10 -12.78
C ASP B 52 -20.59 12.47 -14.26
N GLU B 53 -21.09 11.60 -15.13
CA GLU B 53 -21.05 11.86 -16.56
C GLU B 53 -21.94 13.06 -16.92
N ALA B 54 -23.16 13.08 -16.39
CA ALA B 54 -24.08 14.19 -16.68
C ALA B 54 -23.58 15.54 -16.16
N GLY B 55 -22.69 15.56 -15.18
CA GLY B 55 -22.29 16.84 -14.60
C GLY B 55 -23.37 17.47 -13.74
N GLU B 56 -24.30 16.67 -13.22
CA GLU B 56 -25.35 17.13 -12.33
C GLU B 56 -25.05 16.78 -10.87
N GLY B 57 -23.79 16.52 -10.53
CA GLY B 57 -23.46 16.20 -9.15
C GLY B 57 -23.94 17.27 -8.19
N GLU B 58 -23.63 18.54 -8.49
CA GLU B 58 -23.99 19.60 -7.56
C GLU B 58 -25.48 19.92 -7.64
N LYS B 59 -26.07 19.86 -8.83
CA LYS B 59 -27.50 20.11 -8.94
C LYS B 59 -28.29 19.24 -7.96
N SER B 60 -27.83 18.01 -7.72
CA SER B 60 -28.58 17.06 -6.92
C SER B 60 -27.97 16.82 -5.54
N GLY B 61 -27.09 17.72 -5.10
CA GLY B 61 -26.72 17.74 -3.69
C GLY B 61 -25.62 16.79 -3.27
N TRP B 62 -24.82 16.29 -4.19
CA TRP B 62 -23.75 15.39 -3.77
C TRP B 62 -22.75 16.10 -2.86
N GLU B 63 -22.67 17.43 -2.90
CA GLU B 63 -21.65 18.13 -2.12
C GLU B 63 -21.89 18.06 -0.63
N THR B 64 -23.12 17.83 -0.19
CA THR B 64 -23.31 17.61 1.24
C THR B 64 -22.83 16.25 1.69
N GLY B 65 -22.42 15.39 0.77
CA GLY B 65 -21.96 14.06 1.10
C GLY B 65 -22.96 12.99 0.71
N PHE B 66 -22.45 11.76 0.55
CA PHE B 66 -23.26 10.65 0.07
C PHE B 66 -22.63 9.35 0.50
N HIS B 67 -23.48 8.31 0.59
CA HIS B 67 -22.99 6.96 0.87
C HIS B 67 -23.62 5.93 -0.05
N ASP B 68 -24.11 6.34 -1.22
CA ASP B 68 -24.75 5.43 -2.17
C ASP B 68 -23.90 5.19 -3.42
N GLY B 69 -22.58 5.13 -3.25
CA GLY B 69 -21.71 4.89 -4.38
C GLY B 69 -20.95 3.58 -4.25
N VAL B 70 -19.65 3.65 -4.48
CA VAL B 70 -18.79 2.50 -4.34
C VAL B 70 -17.64 2.91 -3.42
N SER B 71 -17.12 1.97 -2.64
CA SER B 71 -16.00 2.30 -1.78
C SER B 71 -14.72 2.38 -2.61
N MET B 72 -13.91 3.39 -2.33
CA MET B 72 -12.70 3.69 -3.11
C MET B 72 -11.55 3.96 -2.16
N PRO B 73 -10.49 3.16 -2.17
CA PRO B 73 -9.37 3.42 -1.26
C PRO B 73 -8.68 4.75 -1.57
N VAL B 74 -8.15 5.36 -0.52
CA VAL B 74 -7.35 6.57 -0.64
C VAL B 74 -6.09 6.37 0.20
N PRO B 75 -4.88 6.62 -0.33
CA PRO B 75 -4.63 7.07 -1.71
C PRO B 75 -4.57 5.92 -2.70
N ALA B 76 -5.02 6.18 -3.92
CA ALA B 76 -5.11 5.17 -4.98
C ALA B 76 -5.69 5.80 -6.23
N SER B 77 -5.16 5.46 -7.40
CA SER B 77 -5.82 5.83 -8.65
C SER B 77 -7.09 5.01 -8.80
N PHE B 78 -8.20 5.67 -9.12
CA PHE B 78 -9.48 4.94 -9.11
C PHE B 78 -9.64 4.00 -10.29
N ASN B 79 -8.73 4.00 -11.25
CA ASN B 79 -9.05 3.43 -12.55
C ASN B 79 -9.10 1.89 -12.53
N ASP B 80 -8.14 1.23 -11.88
CA ASP B 80 -8.01 -0.22 -12.00
C ASP B 80 -8.87 -1.01 -11.02
N PHE B 81 -9.76 -0.36 -10.28
CA PHE B 81 -10.63 -1.06 -9.35
C PHE B 81 -11.94 -1.49 -10.00
N PHE B 82 -12.11 -1.20 -11.27
CA PHE B 82 -13.33 -1.46 -11.98
C PHE B 82 -13.08 -2.52 -13.03
N THR B 83 -14.05 -3.43 -13.18
CA THR B 83 -13.95 -4.48 -14.17
C THR B 83 -14.37 -4.03 -15.57
N ASP B 84 -15.11 -2.94 -15.71
CA ASP B 84 -15.61 -2.48 -16.99
C ASP B 84 -14.72 -1.37 -17.55
N LYS B 85 -14.47 -1.42 -18.86
CA LYS B 85 -13.52 -0.51 -19.49
C LYS B 85 -13.98 0.94 -19.43
N ALA B 86 -15.27 1.21 -19.68
CA ALA B 86 -15.73 2.59 -19.65
C ALA B 86 -15.40 3.28 -18.32
N SER B 87 -15.34 2.53 -17.23
CA SER B 87 -14.98 3.13 -15.96
C SER B 87 -13.48 3.30 -15.82
N ARG B 88 -12.70 2.39 -16.40
CA ARG B 88 -11.25 2.55 -16.38
C ARG B 88 -10.84 3.78 -17.18
N GLU B 89 -11.54 4.06 -18.27
CA GLU B 89 -11.23 5.14 -19.18
C GLU B 89 -12.03 6.40 -18.89
N TYR B 90 -12.77 6.43 -17.79
CA TYR B 90 -13.67 7.54 -17.51
C TYR B 90 -12.94 8.87 -17.55
N THR B 91 -13.63 9.89 -18.07
CA THR B 91 -13.08 11.22 -18.29
C THR B 91 -14.20 12.21 -18.00
N GLY B 92 -14.04 13.01 -16.94
CA GLY B 92 -15.11 13.91 -16.57
C GLY B 92 -15.02 14.24 -15.10
N ASP B 93 -16.14 14.70 -14.56
CA ASP B 93 -16.20 14.98 -13.12
C ASP B 93 -16.40 13.68 -12.34
N PHE B 94 -15.72 13.57 -11.20
CA PHE B 94 -15.90 12.44 -10.30
C PHE B 94 -15.85 12.95 -8.87
N TRP B 95 -16.46 12.20 -7.96
CA TRP B 95 -16.67 12.67 -6.60
C TRP B 95 -16.18 11.66 -5.57
N TYR B 96 -15.44 12.15 -4.57
CA TYR B 96 -15.10 11.38 -3.37
C TYR B 96 -15.82 11.97 -2.17
N SER B 97 -16.27 11.11 -1.26
CA SER B 97 -17.00 11.54 -0.08
C SER B 97 -16.45 10.82 1.15
N ARG B 98 -16.43 11.52 2.28
CA ARG B 98 -15.97 10.90 3.52
C ARG B 98 -16.44 11.72 4.72
N ASN B 99 -16.60 11.05 5.85
CA ASN B 99 -16.82 11.74 7.12
C ASN B 99 -15.55 11.68 7.95
N PHE B 100 -15.33 12.71 8.74
CA PHE B 100 -14.15 12.75 9.59
C PHE B 100 -14.51 13.50 10.86
N PHE B 101 -13.81 13.17 11.94
CA PHE B 101 -14.08 13.79 13.22
C PHE B 101 -13.15 14.97 13.43
N VAL B 102 -13.70 16.05 13.99
CA VAL B 102 -12.89 17.21 14.35
C VAL B 102 -12.89 17.32 15.87
N PRO B 103 -11.76 17.16 16.54
CA PRO B 103 -11.72 17.19 18.00
C PRO B 103 -12.07 18.56 18.55
N SER B 104 -12.74 18.57 19.70
CA SER B 104 -13.06 19.88 20.27
C SER B 104 -11.82 20.62 20.75
N ALA B 105 -10.73 19.91 21.05
CA ALA B 105 -9.49 20.59 21.42
C ALA B 105 -8.85 21.34 20.26
N ALA B 106 -9.44 21.30 19.06
CA ALA B 106 -8.84 22.00 17.95
C ALA B 106 -9.37 23.42 17.77
N LYS B 107 -10.56 23.73 18.32
CA LYS B 107 -11.13 25.08 18.30
C LYS B 107 -10.09 26.16 18.58
N GLY B 108 -9.97 27.11 17.66
CA GLY B 108 -9.02 28.18 17.80
C GLY B 108 -7.73 27.96 17.04
N LYS B 109 -7.38 26.73 16.73
CA LYS B 109 -6.19 26.55 15.95
C LYS B 109 -6.51 26.77 14.48
N ALA B 110 -5.46 26.89 13.67
CA ALA B 110 -5.62 27.02 12.23
C ALA B 110 -5.80 25.61 11.66
N LEU B 111 -6.97 25.32 11.12
CA LEU B 111 -7.34 23.97 10.74
C LEU B 111 -7.28 23.85 9.22
N PHE B 112 -6.60 22.81 8.74
CA PHE B 112 -6.43 22.59 7.31
C PHE B 112 -6.63 21.13 6.94
N LEU B 113 -7.26 20.90 5.79
CA LEU B 113 -7.17 19.63 5.06
C LEU B 113 -6.08 19.79 4.02
N ARG B 114 -5.04 18.97 4.12
CA ARG B 114 -3.97 19.00 3.12
C ARG B 114 -4.17 17.82 2.19
N PHE B 115 -4.33 18.13 0.90
CA PHE B 115 -4.44 17.12 -0.15
C PHE B 115 -3.09 16.98 -0.82
N ASP B 116 -2.46 15.82 -0.70
CA ASP B 116 -1.11 15.70 -1.27
C ASP B 116 -1.14 15.57 -2.81
N ALA B 117 -2.29 15.25 -3.41
CA ALA B 117 -2.43 15.25 -4.86
C ALA B 117 -3.84 14.85 -5.24
N VAL B 118 -4.49 15.60 -6.11
CA VAL B 118 -5.79 15.25 -6.65
C VAL B 118 -5.69 15.47 -8.15
N THR B 119 -5.69 14.38 -8.91
CA THR B 119 -5.35 14.40 -10.33
C THR B 119 -6.64 14.51 -11.13
N HIS B 120 -6.81 15.58 -11.90
CA HIS B 120 -5.88 16.72 -12.03
C HIS B 120 -6.41 18.00 -11.38
N ARG B 121 -7.64 17.94 -10.89
CA ARG B 121 -8.40 19.16 -10.65
C ARG B 121 -9.40 18.88 -9.56
N ALA B 122 -9.52 19.81 -8.63
CA ALA B 122 -10.32 19.53 -7.45
C ALA B 122 -11.07 20.79 -7.01
N THR B 123 -12.31 20.56 -6.57
CA THR B 123 -13.08 21.50 -5.76
C THR B 123 -13.36 20.84 -4.42
N ILE B 124 -13.09 21.54 -3.31
CA ILE B 124 -13.23 20.96 -1.99
C ILE B 124 -14.45 21.56 -1.30
N PHE B 125 -15.37 20.70 -0.90
CA PHE B 125 -16.49 21.06 -0.06
C PHE B 125 -16.33 20.42 1.31
N VAL B 126 -16.56 21.20 2.37
CA VAL B 126 -16.65 20.67 3.72
C VAL B 126 -18.03 21.02 4.27
N ASN B 127 -18.78 20.00 4.64
CA ASN B 127 -20.16 20.17 5.11
C ASN B 127 -20.98 20.97 4.11
N GLY B 128 -20.86 20.65 2.83
CA GLY B 128 -21.68 21.27 1.83
C GLY B 128 -21.19 22.61 1.33
N LYS B 129 -20.24 23.24 2.01
CA LYS B 129 -19.77 24.58 1.67
C LYS B 129 -18.49 24.51 0.86
N GLU B 130 -18.44 25.23 -0.25
CA GLU B 130 -17.26 25.19 -1.12
C GLU B 130 -16.13 25.98 -0.48
N ILE B 131 -14.94 25.39 -0.45
CA ILE B 131 -13.79 25.98 0.21
C ILE B 131 -12.78 26.51 -0.79
N ARG B 132 -12.39 25.69 -1.76
CA ARG B 132 -11.43 26.14 -2.76
C ARG B 132 -11.38 25.16 -3.93
N THR B 133 -10.68 25.58 -4.96
CA THR B 133 -10.31 24.76 -6.10
C THR B 133 -8.81 24.58 -6.13
N HIS B 134 -8.34 23.73 -7.04
CA HIS B 134 -6.92 23.58 -7.26
C HIS B 134 -6.68 23.00 -8.64
N GLU B 135 -5.64 23.50 -9.30
CA GLU B 135 -5.27 23.06 -10.64
C GLU B 135 -3.91 22.38 -10.60
N GLY B 136 -3.82 21.21 -11.24
CA GLY B 136 -2.57 20.46 -11.27
C GLY B 136 -2.60 19.27 -10.35
N GLY B 137 -2.49 18.07 -10.90
CA GLY B 137 -2.74 16.89 -10.10
C GLY B 137 -1.51 16.23 -9.52
N PHE B 138 -0.44 16.99 -9.23
CA PHE B 138 0.80 16.39 -8.78
C PHE B 138 1.52 17.16 -7.69
N LEU B 139 0.97 18.26 -7.22
CA LEU B 139 1.54 18.98 -6.10
C LEU B 139 0.48 19.11 -5.02
N PRO B 140 0.88 19.30 -3.76
CA PRO B 140 -0.10 19.37 -2.68
C PRO B 140 -0.67 20.77 -2.54
N PHE B 141 -1.74 20.85 -1.75
CA PHE B 141 -2.47 22.08 -1.52
C PHE B 141 -3.37 21.87 -0.32
N ALA B 142 -3.56 22.93 0.46
CA ALA B 142 -4.31 22.83 1.69
C ALA B 142 -5.52 23.73 1.65
N ALA B 143 -6.58 23.30 2.30
CA ALA B 143 -7.81 24.06 2.41
C ALA B 143 -7.97 24.51 3.85
N ASP B 144 -8.05 25.83 4.07
CA ASP B 144 -8.39 26.32 5.41
C ASP B 144 -9.87 26.06 5.68
N ILE B 145 -10.14 25.12 6.59
CA ILE B 145 -11.50 24.77 6.98
C ILE B 145 -11.82 25.26 8.39
N SER B 146 -11.01 26.17 8.93
CA SER B 146 -11.20 26.60 10.32
C SER B 146 -12.63 26.98 10.62
N GLU B 147 -13.31 27.66 9.69
CA GLU B 147 -14.65 28.17 9.89
C GLU B 147 -15.76 27.28 9.32
N ALA B 148 -15.41 26.17 8.64
CA ALA B 148 -16.40 25.36 7.94
C ALA B 148 -16.85 24.12 8.70
N VAL B 149 -16.36 23.88 9.92
CA VAL B 149 -16.67 22.64 10.63
C VAL B 149 -17.17 22.94 12.03
N LYS B 150 -17.94 22.00 12.56
CA LYS B 150 -18.30 21.97 13.97
C LYS B 150 -17.20 21.22 14.73
N TYR B 151 -16.69 21.83 15.79
CA TYR B 151 -15.65 21.19 16.59
C TYR B 151 -16.25 20.18 17.54
N GLY B 152 -15.54 19.08 17.74
CA GLY B 152 -16.05 18.02 18.59
C GLY B 152 -17.24 17.31 17.98
N ALA B 153 -17.18 17.00 16.69
CA ALA B 153 -18.30 16.37 16.00
C ALA B 153 -17.81 15.85 14.65
N GLU B 154 -18.65 15.03 14.04
CA GLU B 154 -18.36 14.48 12.73
C GLU B 154 -18.68 15.53 11.67
N ASN B 155 -17.75 15.77 10.76
CA ASN B 155 -17.99 16.64 9.64
C ASN B 155 -17.88 15.83 8.34
N THR B 156 -18.15 16.48 7.22
CA THR B 156 -18.14 15.83 5.92
C THR B 156 -17.25 16.57 4.94
N VAL B 157 -16.40 15.84 4.23
CA VAL B 157 -15.57 16.38 3.16
C VAL B 157 -15.97 15.69 1.85
N VAL B 158 -16.17 16.48 0.81
CA VAL B 158 -16.48 15.99 -0.52
C VAL B 158 -15.51 16.60 -1.51
N VAL B 159 -15.04 15.81 -2.46
CA VAL B 159 -14.07 16.26 -3.45
C VAL B 159 -14.68 16.05 -4.81
N LYS B 160 -14.80 17.14 -5.57
CA LYS B 160 -15.23 17.07 -6.96
C LYS B 160 -13.97 17.19 -7.81
N GLY B 161 -13.43 16.05 -8.23
CA GLY B 161 -12.24 16.03 -9.03
C GLY B 161 -12.58 15.98 -10.49
N ASN B 162 -11.66 16.48 -11.32
CA ASN B 162 -11.81 16.42 -12.76
C ASN B 162 -10.55 15.87 -13.40
N ASN B 163 -10.73 15.38 -14.60
CA ASN B 163 -9.91 14.35 -15.19
C ASN B 163 -9.40 14.72 -16.57
N GLU B 164 -10.03 15.69 -17.24
CA GLU B 164 -9.84 15.90 -18.66
C GLU B 164 -8.48 16.52 -18.94
N LEU B 165 -8.04 16.39 -20.17
CA LEU B 165 -6.81 17.02 -20.58
C LEU B 165 -7.13 18.04 -21.66
N SER B 166 -6.40 19.15 -21.63
CA SER B 166 -6.45 20.17 -22.67
C SER B 166 -5.04 20.67 -22.86
N ARG B 167 -4.81 21.38 -23.96
CA ARG B 167 -3.49 21.95 -24.19
C ARG B 167 -3.23 23.19 -23.35
N GLU B 168 -4.13 23.51 -22.42
CA GLU B 168 -3.97 24.64 -21.50
C GLU B 168 -3.70 24.18 -20.07
N ALA B 169 -3.33 22.91 -19.88
CA ALA B 169 -3.05 22.42 -18.54
C ALA B 169 -2.04 21.29 -18.63
N LEU B 170 -1.17 21.20 -17.62
CA LEU B 170 -0.11 20.22 -17.56
C LEU B 170 -0.64 18.96 -16.89
N PRO B 171 -0.38 17.74 -17.44
CA PRO B 171 0.21 17.37 -18.73
C PRO B 171 -0.68 17.69 -19.93
N ALA B 172 -0.05 18.09 -21.04
CA ALA B 172 -0.78 18.48 -22.24
C ALA B 172 -1.45 17.28 -22.92
N GLY B 173 -2.65 17.49 -23.43
CA GLY B 173 -3.37 16.43 -24.12
C GLY B 173 -4.73 16.92 -24.56
N ASP B 174 -5.47 16.04 -25.21
CA ASP B 174 -6.78 16.39 -25.73
C ASP B 174 -7.83 15.48 -25.13
N THR B 175 -9.09 15.91 -25.23
CA THR B 175 -10.24 15.13 -24.78
C THR B 175 -11.20 15.04 -25.95
N ILE B 176 -11.58 13.82 -26.32
CA ILE B 176 -12.43 13.61 -27.47
C ILE B 176 -13.69 12.90 -27.03
N THR B 177 -14.67 12.83 -27.94
CA THR B 177 -15.98 12.27 -27.63
C THR B 177 -16.29 11.21 -28.69
N LEU B 178 -16.32 9.96 -28.27
CA LEU B 178 -16.73 8.88 -29.16
C LEU B 178 -18.11 9.17 -29.71
N ARG B 179 -18.40 8.54 -30.84
CA ARG B 179 -19.69 8.71 -31.47
C ARG B 179 -20.85 8.32 -30.57
N ASN B 180 -20.58 7.60 -29.48
CA ASN B 180 -21.65 7.18 -28.58
C ASN B 180 -21.82 8.08 -27.37
N GLY B 181 -21.02 9.14 -27.25
CA GLY B 181 -21.20 10.15 -26.22
C GLY B 181 -20.12 10.18 -25.16
N LYS B 182 -19.52 9.03 -24.83
CA LYS B 182 -18.54 8.96 -23.77
C LYS B 182 -17.31 9.79 -24.10
N LYS B 183 -16.78 10.49 -23.10
CA LYS B 183 -15.54 11.23 -23.29
C LYS B 183 -14.36 10.29 -23.05
N MET B 184 -13.24 10.54 -23.74
CA MET B 184 -12.00 9.81 -23.50
C MET B 184 -10.82 10.71 -23.86
N VAL B 185 -9.64 10.42 -23.29
CA VAL B 185 -8.45 11.28 -23.45
C VAL B 185 -7.53 10.73 -24.52
N ARG B 186 -6.92 11.64 -25.28
CA ARG B 186 -5.86 11.36 -26.24
C ARG B 186 -4.64 12.13 -25.75
N PRO B 187 -3.88 11.56 -24.81
CA PRO B 187 -2.75 12.29 -24.23
C PRO B 187 -1.65 12.59 -25.23
N PHE B 188 -0.82 13.58 -24.88
CA PHE B 188 0.42 13.88 -25.56
C PHE B 188 1.63 13.32 -24.81
N PHE B 189 1.40 12.39 -23.89
CA PHE B 189 2.46 11.83 -23.10
C PHE B 189 2.31 10.31 -23.13
N ASP B 190 3.29 9.59 -22.59
CA ASP B 190 3.20 8.14 -22.71
C ASP B 190 2.29 7.53 -21.64
N PHE B 191 2.44 7.95 -20.39
CA PHE B 191 1.88 7.23 -19.25
C PHE B 191 0.36 7.25 -19.24
N TYR B 192 -0.21 6.28 -18.52
CA TYR B 192 -1.66 6.20 -18.37
C TYR B 192 -2.20 7.38 -17.58
N ASN B 193 -3.43 7.77 -17.90
CA ASN B 193 -4.11 8.84 -17.20
C ASN B 193 -4.71 8.39 -15.86
N TYR B 194 -3.91 7.79 -14.98
CA TYR B 194 -4.39 7.42 -13.66
C TYR B 194 -4.86 8.66 -12.92
N SER B 195 -6.04 8.58 -12.30
CA SER B 195 -6.68 9.78 -11.78
C SER B 195 -7.19 9.54 -10.36
N GLY B 196 -7.62 10.60 -9.70
CA GLY B 196 -8.26 10.52 -8.40
C GLY B 196 -7.34 10.98 -7.28
N LEU B 197 -7.77 10.69 -6.05
CA LEU B 197 -7.01 11.05 -4.84
C LEU B 197 -5.75 10.20 -4.77
N ASN B 198 -4.74 10.61 -5.55
CA ASN B 198 -3.52 9.83 -5.74
C ASN B 198 -2.57 9.86 -4.54
N ARG B 199 -2.75 10.76 -3.59
CA ARG B 199 -1.85 10.84 -2.45
C ARG B 199 -2.63 11.20 -1.20
N SER B 200 -1.98 10.99 -0.07
CA SER B 200 -2.62 11.06 1.24
C SER B 200 -3.37 12.37 1.48
N VAL B 201 -4.35 12.32 2.39
CA VAL B 201 -5.12 13.48 2.80
C VAL B 201 -4.93 13.64 4.31
N HIS B 202 -4.45 14.81 4.73
CA HIS B 202 -4.17 15.06 6.13
C HIS B 202 -5.17 16.06 6.73
N LEU B 203 -5.55 15.82 7.97
CA LEU B 203 -6.20 16.84 8.78
C LEU B 203 -5.15 17.47 9.68
N LEU B 204 -4.94 18.77 9.54
CA LEU B 204 -3.91 19.47 10.28
C LEU B 204 -4.51 20.53 11.19
N SER B 205 -3.97 20.65 12.40
CA SER B 205 -4.21 21.84 13.22
C SER B 205 -2.87 22.48 13.54
N LEU B 206 -2.71 23.74 13.17
CA LEU B 206 -1.46 24.47 13.29
C LEU B 206 -1.66 25.71 14.15
N PRO B 207 -0.60 26.24 14.77
CA PRO B 207 -0.71 27.52 15.48
C PRO B 207 -1.19 28.64 14.57
N GLN B 208 -1.83 29.65 15.18
CA GLN B 208 -2.31 30.79 14.41
C GLN B 208 -1.16 31.58 13.80
N GLU B 209 -0.07 31.75 14.55
CA GLU B 209 1.17 32.34 14.06
C GLU B 209 2.22 31.24 13.97
N ARG B 210 2.71 30.95 12.77
CA ARG B 210 3.45 29.71 12.53
C ARG B 210 4.53 29.91 11.47
N VAL B 211 5.37 28.89 11.31
CA VAL B 211 6.31 28.85 10.19
C VAL B 211 5.57 28.49 8.91
N LEU B 212 5.84 29.22 7.83
CA LEU B 212 5.32 28.92 6.50
C LEU B 212 6.35 28.34 5.56
N ASP B 213 7.63 28.69 5.73
CA ASP B 213 8.65 28.32 4.77
C ASP B 213 10.01 28.51 5.42
N TYR B 214 11.02 27.82 4.90
CA TYR B 214 12.40 28.12 5.25
C TYR B 214 13.29 27.76 4.07
N THR B 215 14.52 28.25 4.12
CA THR B 215 15.46 28.02 3.04
C THR B 215 16.85 27.79 3.60
N THR B 216 17.61 26.93 2.92
CA THR B 216 18.97 26.57 3.31
C THR B 216 19.87 26.66 2.08
N THR B 217 21.06 27.21 2.27
CA THR B 217 22.18 27.07 1.35
C THR B 217 23.41 26.68 2.17
N PHE B 218 24.45 26.19 1.51
CA PHE B 218 25.60 25.66 2.22
C PHE B 218 26.89 26.21 1.66
N ALA B 219 27.90 26.30 2.51
CA ALA B 219 29.25 26.67 2.09
C ALA B 219 30.25 25.81 2.84
N LEU B 220 31.34 25.42 2.17
CA LEU B 220 32.35 24.56 2.78
C LEU B 220 33.68 25.30 2.91
N ALA B 221 34.31 25.18 4.07
CA ALA B 221 35.67 25.68 4.27
C ALA B 221 36.46 24.66 5.08
N GLY B 222 37.48 24.07 4.46
CA GLY B 222 38.28 23.08 5.16
C GLY B 222 37.37 21.98 5.68
N ASN B 223 37.50 21.68 6.96
CA ASN B 223 36.67 20.66 7.58
C ASN B 223 35.39 21.21 8.18
N ASP B 224 35.10 22.49 7.96
CA ASP B 224 33.91 23.13 8.53
C ASP B 224 32.93 23.49 7.43
N ALA B 225 31.72 23.83 7.85
CA ALA B 225 30.67 24.21 6.92
C ALA B 225 29.80 25.30 7.54
N THR B 226 28.94 25.88 6.72
CA THR B 226 27.98 26.88 7.17
C THR B 226 26.65 26.61 6.51
N VAL B 227 25.60 26.52 7.30
CA VAL B 227 24.25 26.55 6.78
C VAL B 227 23.76 27.99 6.84
N ASN B 228 23.28 28.51 5.74
CA ASN B 228 22.68 29.84 5.71
C ASN B 228 21.19 29.65 5.50
N TYR B 229 20.39 30.15 6.45
CA TYR B 229 18.95 29.89 6.49
C TYR B 229 18.15 31.19 6.46
N THR B 230 16.90 31.06 6.03
CA THR B 230 15.91 32.11 6.19
C THR B 230 14.59 31.44 6.55
N VAL B 231 13.71 32.17 7.23
CA VAL B 231 12.46 31.61 7.72
C VAL B 231 11.36 32.64 7.50
N GLU B 232 10.26 32.19 6.89
CA GLU B 232 9.07 33.01 6.65
C GLU B 232 7.97 32.60 7.62
N THR B 233 7.38 33.57 8.32
CA THR B 233 6.27 33.29 9.22
C THR B 233 5.16 34.29 8.98
N ASN B 234 3.97 33.99 9.48
CA ASN B 234 2.86 34.91 9.28
C ASN B 234 2.75 35.94 10.41
N GLY B 235 3.87 36.32 11.02
CA GLY B 235 3.85 37.21 12.16
C GLY B 235 5.25 37.68 12.51
N ASP B 236 5.33 38.39 13.64
CA ASP B 236 6.52 39.13 14.06
C ASP B 236 7.20 38.56 15.30
N ALA B 237 6.75 37.40 15.77
CA ALA B 237 7.37 36.81 16.95
C ALA B 237 8.79 36.32 16.63
N PRO B 238 9.65 36.24 17.65
CA PRO B 238 11.04 35.85 17.44
C PRO B 238 11.19 34.40 16.95
N VAL B 239 12.33 34.15 16.30
CA VAL B 239 12.63 32.87 15.64
C VAL B 239 13.98 32.38 16.17
N THR B 240 13.98 31.21 16.79
CA THR B 240 15.23 30.53 17.13
C THR B 240 15.45 29.31 16.22
N VAL B 241 16.68 29.13 15.76
CA VAL B 241 17.02 28.05 14.87
C VAL B 241 18.14 27.25 15.51
N SER B 242 18.00 25.94 15.49
CA SER B 242 18.91 25.04 16.18
C SER B 242 19.19 23.85 15.28
N LEU B 243 20.46 23.45 15.18
CA LEU B 243 20.87 22.38 14.29
C LEU B 243 21.48 21.26 15.12
N ALA B 244 20.90 20.07 15.03
CA ALA B 244 21.34 18.93 15.80
C ALA B 244 21.83 17.83 14.85
N ASP B 245 22.80 17.04 15.32
CA ASP B 245 23.39 16.01 14.48
C ASP B 245 22.61 14.70 14.61
N ALA B 246 23.22 13.62 14.13
CA ALA B 246 22.53 12.34 13.98
C ALA B 246 22.12 11.75 15.32
N ASP B 247 22.82 12.13 16.39
CA ASP B 247 22.60 11.55 17.71
C ASP B 247 21.88 12.50 18.65
N GLY B 248 21.42 13.64 18.14
CA GLY B 248 20.69 14.61 18.93
C GLY B 248 21.55 15.70 19.54
N GLN B 249 22.85 15.70 19.27
CA GLN B 249 23.78 16.67 19.87
C GLN B 249 23.72 18.00 19.15
N VAL B 250 23.33 19.07 19.85
CA VAL B 250 23.22 20.38 19.21
C VAL B 250 24.60 20.92 18.86
N VAL B 251 24.75 21.39 17.62
CA VAL B 251 26.04 21.83 17.10
C VAL B 251 26.02 23.26 16.59
N ALA B 252 24.87 23.88 16.34
CA ALA B 252 24.83 25.29 16.02
C ALA B 252 23.45 25.84 16.41
N THR B 253 23.40 27.13 16.74
CA THR B 253 22.14 27.79 17.03
C THR B 253 22.25 29.25 16.59
N ALA B 254 21.11 29.85 16.23
CA ALA B 254 21.11 31.24 15.81
C ALA B 254 19.74 31.87 16.08
N GLN B 255 19.73 33.19 16.08
CA GLN B 255 18.50 33.94 16.32
C GLN B 255 18.14 34.80 15.12
N GLY B 256 16.86 34.81 14.78
CA GLY B 256 16.36 35.67 13.74
C GLY B 256 16.07 34.92 12.45
N LYS B 257 15.33 35.59 11.57
CA LYS B 257 14.86 34.98 10.35
C LYS B 257 15.93 34.87 9.26
N GLN B 258 17.02 35.64 9.31
CA GLN B 258 18.24 35.32 8.57
C GLN B 258 19.33 34.95 9.56
N GLY B 259 20.28 34.16 9.10
CA GLY B 259 21.31 33.66 9.97
C GLY B 259 22.22 32.65 9.30
N ALA B 260 23.22 32.22 10.06
CA ALA B 260 24.30 31.36 9.60
C ALA B 260 24.70 30.43 10.73
N LEU B 261 24.52 29.14 10.52
CA LEU B 261 24.86 28.10 11.49
C LEU B 261 26.26 27.60 11.22
N GLN B 262 27.19 27.84 12.15
CA GLN B 262 28.57 27.39 12.01
C GLN B 262 28.70 25.95 12.49
N VAL B 263 29.05 25.04 11.60
CA VAL B 263 29.22 23.64 11.98
C VAL B 263 30.69 23.29 11.77
N GLN B 264 31.42 23.20 12.89
CA GLN B 264 32.83 22.81 12.86
C GLN B 264 32.97 21.30 12.76
N ASN B 265 33.92 20.84 11.97
CA ASN B 265 34.12 19.41 11.79
C ASN B 265 32.86 18.75 11.25
N ALA B 266 32.34 19.31 10.16
CA ALA B 266 31.03 18.90 9.67
C ALA B 266 31.11 17.51 9.06
N HIS B 267 30.00 16.76 9.17
N HIS B 267 29.99 16.79 9.14
CA HIS B 267 29.89 15.47 8.50
CA HIS B 267 29.84 15.47 8.52
C HIS B 267 29.07 15.70 7.23
C HIS B 267 29.05 15.69 7.22
N LEU B 268 29.77 15.86 6.12
CA LEU B 268 29.14 16.16 4.84
C LEU B 268 28.25 15.01 4.33
N TRP B 269 27.19 15.41 3.63
CA TRP B 269 26.31 14.48 2.93
C TRP B 269 26.92 14.13 1.57
N GLN B 270 26.97 12.85 1.27
CA GLN B 270 27.80 12.33 0.19
C GLN B 270 27.02 11.35 -0.69
N VAL B 271 27.27 11.40 -2.00
CA VAL B 271 26.52 10.53 -2.91
C VAL B 271 26.61 9.08 -2.45
N ARG B 272 25.45 8.42 -2.36
CA ARG B 272 25.40 7.05 -1.83
CA ARG B 272 25.34 7.07 -1.81
C ARG B 272 26.09 6.96 -0.47
N ASN B 273 26.00 8.04 0.32
CA ASN B 273 26.65 8.08 1.63
C ASN B 273 26.08 9.23 2.47
N ALA B 274 24.79 9.18 2.76
CA ALA B 274 24.12 10.33 3.35
C ALA B 274 24.55 10.56 4.80
N TYR B 275 24.50 11.83 5.21
CA TYR B 275 24.48 12.18 6.63
C TYR B 275 23.49 13.34 6.78
N LEU B 276 22.55 13.21 7.70
CA LEU B 276 21.49 14.19 7.83
C LEU B 276 21.50 14.82 9.22
N TYR B 277 21.48 16.15 9.26
CA TYR B 277 21.31 16.88 10.50
C TYR B 277 19.84 17.26 10.65
N THR B 278 19.34 17.24 11.90
CA THR B 278 17.99 17.70 12.19
C THR B 278 18.00 19.22 12.39
N LEU B 279 17.17 19.92 11.63
CA LEU B 279 16.99 21.35 11.80
C LEU B 279 15.70 21.60 12.56
N THR B 280 15.75 22.52 13.52
CA THR B 280 14.63 22.84 14.39
C THR B 280 14.42 24.34 14.39
N ILE B 281 13.17 24.74 14.16
CA ILE B 281 12.76 26.14 14.09
C ILE B 281 11.65 26.35 15.11
N GLN B 282 11.76 27.42 15.91
CA GLN B 282 10.77 27.68 16.94
C GLN B 282 10.45 29.17 17.01
N LEU B 283 9.17 29.47 17.27
CA LEU B 283 8.68 30.84 17.41
C LEU B 283 8.33 31.14 18.88
N GLY B 284 8.74 32.33 19.34
CA GLY B 284 8.47 32.81 20.67
C GLY B 284 9.75 33.27 21.35
N ASP B 285 9.65 34.04 22.43
CA ASP B 285 10.76 34.36 23.32
C ASP B 285 10.74 33.39 24.52
N ASP B 286 11.60 33.63 25.51
CA ASP B 286 11.72 32.72 26.65
C ASP B 286 10.80 33.08 27.81
N THR B 287 9.82 33.95 27.57
CA THR B 287 8.67 34.07 28.46
C THR B 287 7.48 33.23 28.00
N GLN B 288 7.53 32.69 26.79
CA GLN B 288 6.44 31.95 26.20
C GLN B 288 6.74 30.46 26.18
N THR B 289 5.69 29.68 26.07
CA THR B 289 5.82 28.40 25.42
C THR B 289 6.05 28.68 23.94
N PRO B 290 6.80 27.83 23.23
CA PRO B 290 6.99 28.08 21.80
C PRO B 290 5.65 28.14 21.09
N LEU B 291 5.42 29.20 20.32
CA LEU B 291 4.14 29.34 19.63
C LEU B 291 4.04 28.39 18.46
N ASP B 292 5.18 27.93 17.97
CA ASP B 292 5.25 27.00 16.84
C ASP B 292 6.62 26.35 16.86
N THR B 293 6.66 25.11 16.38
CA THR B 293 7.89 24.39 16.12
C THR B 293 7.76 23.73 14.76
N TYR B 294 8.83 23.80 13.97
CA TYR B 294 8.92 22.98 12.78
C TYR B 294 10.26 22.27 12.79
N THR B 295 10.32 21.12 12.12
CA THR B 295 11.46 20.23 12.17
C THR B 295 11.67 19.57 10.80
N ASP B 296 12.93 19.51 10.36
CA ASP B 296 13.22 18.89 9.08
C ASP B 296 14.66 18.43 9.08
N ARG B 297 14.93 17.41 8.27
CA ARG B 297 16.27 16.86 8.13
C ARG B 297 16.91 17.41 6.86
N ILE B 298 18.14 17.85 6.95
CA ILE B 298 18.85 18.43 5.83
C ILE B 298 20.25 17.83 5.77
N GLY B 299 20.82 17.83 4.57
CA GLY B 299 22.17 17.34 4.36
C GLY B 299 23.06 18.50 3.97
N ILE B 300 24.28 18.50 4.50
CA ILE B 300 25.25 19.56 4.22
C ILE B 300 26.07 19.12 3.02
N ARG B 301 25.86 19.79 1.87
CA ARG B 301 26.47 19.44 0.60
C ARG B 301 26.32 20.62 -0.35
N THR B 302 27.23 20.74 -1.32
CA THR B 302 27.12 21.79 -2.33
C THR B 302 27.13 21.21 -3.74
N ILE B 303 26.39 21.85 -4.63
CA ILE B 303 26.28 21.42 -6.03
C ILE B 303 26.71 22.57 -6.95
N LYS B 304 27.69 22.28 -7.81
CA LYS B 304 28.16 23.27 -8.79
C LYS B 304 28.33 22.59 -10.15
N ILE B 305 27.94 23.30 -11.21
CA ILE B 305 28.38 22.98 -12.55
C ILE B 305 29.64 23.79 -12.81
N SER B 306 30.71 23.13 -13.24
CA SER B 306 31.97 23.81 -13.57
C SER B 306 32.50 23.26 -14.88
N GLY B 307 32.54 24.09 -15.91
CA GLY B 307 32.92 23.58 -17.20
C GLY B 307 31.94 22.50 -17.60
N THR B 308 32.46 21.31 -17.91
CA THR B 308 31.62 20.16 -18.16
C THR B 308 31.49 19.26 -16.94
N ASP B 309 31.93 19.73 -15.78
CA ASP B 309 31.87 18.93 -14.56
C ASP B 309 30.62 19.23 -13.76
N ILE B 310 30.04 18.17 -13.20
CA ILE B 310 29.06 18.25 -12.13
C ILE B 310 29.80 17.96 -10.84
N LEU B 311 29.83 18.91 -9.93
CA LEU B 311 30.59 18.76 -8.70
C LEU B 311 29.64 18.64 -7.53
N VAL B 312 29.81 17.59 -6.73
CA VAL B 312 29.16 17.45 -5.44
C VAL B 312 30.25 17.59 -4.38
N ASN B 313 30.14 18.63 -3.56
CA ASN B 313 31.15 18.90 -2.53
C ASN B 313 32.51 19.14 -3.16
N ASP B 314 32.51 19.67 -4.38
CA ASP B 314 33.71 20.14 -5.06
C ASP B 314 34.54 19.04 -5.71
N LYS B 315 34.07 17.76 -5.72
CA LYS B 315 34.68 16.66 -6.48
C LYS B 315 33.71 16.23 -7.59
N PRO B 316 34.20 15.96 -8.79
CA PRO B 316 33.29 15.59 -9.89
C PRO B 316 32.64 14.24 -9.65
N ILE B 317 31.45 14.05 -10.24
CA ILE B 317 30.71 12.80 -10.14
C ILE B 317 30.18 12.39 -11.51
N TYR B 318 29.65 11.17 -11.57
CA TYR B 318 29.14 10.58 -12.80
C TYR B 318 27.79 9.93 -12.49
N LEU B 319 26.73 10.41 -13.15
CA LEU B 319 25.39 9.95 -12.83
C LEU B 319 25.14 8.58 -13.45
N LYS B 320 24.54 7.69 -12.66
CA LYS B 320 24.08 6.39 -13.14
C LYS B 320 22.69 6.14 -12.60
N GLY B 321 21.75 5.72 -13.45
CA GLY B 321 20.40 5.42 -12.99
C GLY B 321 19.28 5.38 -14.01
N PHE B 322 18.11 5.92 -13.63
CA PHE B 322 16.84 5.86 -14.35
C PHE B 322 16.17 7.24 -14.24
N GLY B 323 15.12 7.53 -15.02
CA GLY B 323 14.25 6.64 -15.74
C GLY B 323 13.12 6.06 -14.89
N ARG B 324 12.25 6.83 -14.24
CA ARG B 324 11.22 6.22 -13.40
C ARG B 324 9.83 6.74 -13.70
N HIS B 325 8.83 6.00 -13.21
CA HIS B 325 7.48 6.51 -13.02
C HIS B 325 6.99 6.14 -11.61
N GLU B 326 5.97 6.84 -11.15
CA GLU B 326 5.23 6.34 -9.98
C GLU B 326 4.12 5.47 -10.53
N ASP B 327 4.39 4.18 -10.63
CA ASP B 327 3.43 3.25 -11.21
C ASP B 327 3.57 1.93 -10.47
N SER B 328 2.44 1.34 -10.11
CA SER B 328 2.42 0.04 -9.46
C SER B 328 1.12 -0.62 -9.86
N PRO B 329 1.07 -1.96 -9.89
CA PRO B 329 -0.17 -2.62 -10.36
C PRO B 329 -1.40 -2.22 -9.57
N PHE B 330 -1.31 -2.16 -8.24
CA PHE B 330 -2.53 -1.97 -7.43
C PHE B 330 -2.81 -0.53 -7.05
N ALA B 331 -1.79 0.31 -6.94
CA ALA B 331 -2.04 1.71 -6.59
C ALA B 331 -2.13 2.63 -7.81
N GLY B 332 -1.89 2.13 -9.01
CA GLY B 332 -1.84 3.01 -10.16
C GLY B 332 -0.73 4.02 -9.94
N ARG B 333 -1.08 5.29 -10.00
CA ARG B 333 -0.15 6.39 -9.83
C ARG B 333 -0.04 6.83 -8.37
N ALA B 334 -0.79 6.18 -7.47
CA ALA B 334 -0.76 6.57 -6.07
C ALA B 334 0.55 6.15 -5.40
N PHE B 335 0.91 6.84 -4.33
CA PHE B 335 2.13 6.49 -3.63
C PHE B 335 1.91 5.25 -2.79
N ASP B 336 2.81 4.30 -2.92
CA ASP B 336 2.84 3.11 -2.08
C ASP B 336 4.25 2.99 -1.49
N LEU B 337 4.34 2.96 -0.16
CA LEU B 337 5.64 2.90 0.48
C LEU B 337 6.36 1.59 0.20
N ASN B 338 5.63 0.49 0.04
CA ASN B 338 6.28 -0.78 -0.25
C ASN B 338 6.97 -0.75 -1.60
N VAL B 339 6.25 -0.36 -2.66
CA VAL B 339 6.88 -0.29 -3.96
C VAL B 339 8.05 0.68 -3.96
N GLU B 340 7.91 1.79 -3.25
CA GLU B 340 9.01 2.75 -3.24
C GLU B 340 10.25 2.17 -2.56
N LYS B 341 10.07 1.42 -1.48
CA LYS B 341 11.23 0.89 -0.79
C LYS B 341 11.92 -0.20 -1.61
N LYS B 342 11.16 -0.94 -2.43
CA LYS B 342 11.78 -1.96 -3.28
C LYS B 342 12.53 -1.34 -4.46
N ASP B 343 11.92 -0.37 -5.16
CA ASP B 343 12.66 0.44 -6.12
C ASP B 343 14.00 0.91 -5.56
N PHE B 344 14.04 1.37 -4.30
CA PHE B 344 15.32 1.77 -3.77
C PHE B 344 16.20 0.57 -3.46
N ALA B 345 15.61 -0.52 -2.98
CA ALA B 345 16.41 -1.71 -2.74
C ALA B 345 17.09 -2.13 -4.03
N LEU B 346 16.32 -2.20 -5.12
CA LEU B 346 16.88 -2.57 -6.42
C LEU B 346 17.92 -1.56 -6.86
N MET B 347 17.57 -0.26 -6.82
CA MET B 347 18.50 0.75 -7.32
C MET B 347 19.82 0.76 -6.54
N LYS B 348 19.80 0.46 -5.25
CA LYS B 348 21.06 0.37 -4.51
C LYS B 348 21.87 -0.84 -4.95
N TRP B 349 21.21 -2.01 -5.03
CA TRP B 349 21.83 -3.23 -5.52
C TRP B 349 22.53 -3.04 -6.87
N ILE B 350 21.86 -2.37 -7.82
CA ILE B 350 22.35 -2.36 -9.19
C ILE B 350 23.43 -1.34 -9.43
N GLY B 351 23.66 -0.44 -8.46
CA GLY B 351 24.74 0.52 -8.52
C GLY B 351 24.32 1.91 -8.91
N ALA B 352 23.03 2.17 -9.03
CA ALA B 352 22.59 3.50 -9.39
C ALA B 352 22.93 4.50 -8.28
N ASN B 353 22.99 5.76 -8.65
CA ASN B 353 23.09 6.83 -7.67
C ASN B 353 22.25 8.01 -8.06
N SER B 354 21.36 7.87 -9.04
CA SER B 354 20.55 9.00 -9.45
C SER B 354 19.31 8.50 -10.17
N PHE B 355 18.31 9.36 -10.24
CA PHE B 355 17.15 9.09 -11.08
C PHE B 355 16.38 10.39 -11.26
N ARG B 356 15.61 10.45 -12.34
CA ARG B 356 14.82 11.63 -12.66
C ARG B 356 13.34 11.32 -12.41
N THR B 357 12.64 12.26 -11.79
CA THR B 357 11.25 12.04 -11.40
C THR B 357 10.35 12.35 -12.60
N SER B 358 10.48 11.54 -13.63
CA SER B 358 9.70 11.75 -14.83
C SER B 358 8.31 11.14 -14.64
N HIS B 359 7.28 11.86 -15.07
CA HIS B 359 7.39 13.22 -15.62
C HIS B 359 6.56 14.19 -14.80
N TYR B 360 6.81 14.22 -13.52
CA TYR B 360 5.93 14.99 -12.65
C TYR B 360 6.50 14.90 -11.24
N PRO B 361 6.22 15.86 -10.37
CA PRO B 361 6.69 15.77 -8.98
C PRO B 361 6.23 14.48 -8.32
N TYR B 362 7.13 13.85 -7.57
CA TYR B 362 6.73 12.63 -6.88
C TYR B 362 6.21 12.94 -5.47
N ASP B 363 5.54 11.95 -4.87
CA ASP B 363 5.16 12.03 -3.47
C ASP B 363 6.34 12.45 -2.61
N GLU B 364 6.08 13.34 -1.65
CA GLU B 364 7.18 13.95 -0.91
C GLU B 364 8.03 12.92 -0.20
N GLN B 365 7.43 11.78 0.17
CA GLN B 365 8.18 10.77 0.90
C GLN B 365 9.34 10.21 0.08
N VAL B 366 9.30 10.37 -1.25
CA VAL B 366 10.34 9.81 -2.10
C VAL B 366 11.62 10.61 -1.95
N TYR B 367 11.49 11.94 -1.82
CA TYR B 367 12.68 12.76 -1.68
C TYR B 367 13.31 12.58 -0.31
N LYS B 368 12.52 12.25 0.70
CA LYS B 368 13.07 11.95 2.02
C LYS B 368 13.93 10.68 1.97
N ILE B 369 13.50 9.70 1.18
CA ILE B 369 14.30 8.48 1.07
C ILE B 369 15.56 8.70 0.21
N ALA B 370 15.49 9.55 -0.80
CA ALA B 370 16.72 9.88 -1.53
C ALA B 370 17.71 10.60 -0.61
N ASP B 371 17.21 11.48 0.27
CA ASP B 371 18.10 12.11 1.24
C ASP B 371 18.74 11.06 2.14
N GLU B 372 17.94 10.12 2.63
CA GLU B 372 18.43 9.10 3.55
C GLU B 372 19.43 8.15 2.87
N GLU B 373 19.26 7.93 1.57
CA GLU B 373 20.05 6.95 0.82
C GLU B 373 21.10 7.56 -0.09
N GLY B 374 21.24 8.88 -0.10
CA GLY B 374 22.33 9.50 -0.84
C GLY B 374 22.17 9.48 -2.35
N PHE B 375 20.94 9.62 -2.85
CA PHE B 375 20.67 9.64 -4.27
C PHE B 375 20.55 11.08 -4.79
N LEU B 376 20.84 11.24 -6.08
CA LEU B 376 20.73 12.53 -6.76
C LEU B 376 19.50 12.51 -7.67
N LEU B 377 18.52 13.38 -7.38
CA LEU B 377 17.28 13.44 -8.12
C LEU B 377 17.24 14.65 -9.05
N THR B 378 16.68 14.43 -10.23
CA THR B 378 16.30 15.51 -11.12
C THR B 378 14.80 15.68 -10.96
N ASP B 379 14.40 16.80 -10.38
CA ASP B 379 13.01 17.06 -10.06
C ASP B 379 12.33 17.67 -11.27
N GLU B 380 11.27 17.03 -11.77
CA GLU B 380 10.64 17.44 -13.02
C GLU B 380 9.22 17.93 -12.78
N VAL B 381 8.86 19.00 -13.47
CA VAL B 381 7.52 19.58 -13.44
C VAL B 381 6.74 18.93 -14.58
N PRO B 382 5.41 18.86 -14.54
CA PRO B 382 4.70 17.97 -15.47
C PRO B 382 4.44 18.58 -16.84
N ALA B 383 5.45 19.20 -17.45
CA ALA B 383 5.29 19.84 -18.74
C ALA B 383 5.78 18.92 -19.86
N VAL B 384 5.02 17.82 -20.04
CA VAL B 384 5.11 16.92 -21.19
C VAL B 384 4.00 17.26 -22.16
N GLY B 385 4.25 16.98 -23.43
CA GLY B 385 3.23 17.14 -24.44
C GLY B 385 3.33 18.42 -25.23
N PHE B 386 4.35 19.24 -25.02
CA PHE B 386 4.50 20.51 -25.73
C PHE B 386 5.05 20.23 -27.14
N LYS B 387 4.27 19.47 -27.89
CA LYS B 387 4.78 18.73 -29.03
C LYS B 387 3.64 17.97 -29.67
N MET B 388 3.22 18.38 -30.87
CA MET B 388 2.16 17.72 -31.62
C MET B 388 2.78 16.87 -32.73
N ALA B 389 2.49 15.58 -32.71
CA ALA B 389 3.07 14.65 -33.69
C ALA B 389 2.18 14.48 -34.92
N SER B 400 2.49 21.72 -34.17
CA SER B 400 2.70 23.17 -34.26
C SER B 400 2.59 23.88 -32.88
N PHE B 401 2.85 23.12 -31.81
CA PHE B 401 2.40 23.44 -30.46
C PHE B 401 2.51 24.92 -30.08
N PHE B 402 3.73 25.48 -30.09
CA PHE B 402 3.95 26.83 -29.60
C PHE B 402 3.28 27.89 -30.46
N LYS B 403 2.82 27.53 -31.66
CA LYS B 403 2.06 28.47 -32.49
C LYS B 403 0.83 29.00 -31.74
N GLY B 404 0.04 28.09 -31.14
CA GLY B 404 -1.36 28.32 -30.82
C GLY B 404 -1.68 29.31 -29.71
N PRO B 405 -3.00 29.42 -29.37
CA PRO B 405 -3.47 30.40 -28.37
C PRO B 405 -3.63 29.84 -26.97
N TRP B 406 -3.49 28.53 -26.80
CA TRP B 406 -3.49 27.93 -25.48
C TRP B 406 -2.19 28.18 -24.73
N LEU B 407 -1.25 28.90 -25.33
CA LEU B 407 0.01 29.15 -24.65
C LEU B 407 -0.13 30.12 -23.48
N LYS B 408 -1.10 31.04 -23.55
CA LYS B 408 -1.23 32.02 -22.47
C LYS B 408 -1.63 31.33 -21.17
N LYS B 409 -2.73 30.58 -21.19
CA LYS B 409 -3.16 29.89 -19.96
C LYS B 409 -2.20 28.78 -19.58
N LEU B 410 -1.73 28.01 -20.56
CA LEU B 410 -0.74 26.99 -20.27
C LEU B 410 0.42 27.57 -19.48
N HIS B 411 0.93 28.72 -19.92
CA HIS B 411 2.11 29.29 -19.26
C HIS B 411 1.84 29.65 -17.80
N GLU B 412 0.68 30.22 -17.49
CA GLU B 412 0.39 30.52 -16.09
C GLU B 412 0.53 29.26 -15.25
N ARG B 413 -0.12 28.18 -15.69
CA ARG B 413 -0.08 26.94 -14.91
C ARG B 413 1.33 26.35 -14.86
N HIS B 414 2.07 26.43 -15.97
CA HIS B 414 3.45 25.95 -15.99
C HIS B 414 4.33 26.70 -14.98
N ILE B 415 4.37 28.04 -15.05
CA ILE B 415 5.23 28.78 -14.12
C ILE B 415 4.74 28.58 -12.70
N ASP B 416 3.42 28.48 -12.50
CA ASP B 416 2.90 28.27 -11.15
C ASP B 416 3.30 26.88 -10.64
N GLN B 417 3.19 25.86 -11.48
CA GLN B 417 3.66 24.54 -11.09
C GLN B 417 5.18 24.51 -10.87
N ILE B 418 5.94 25.34 -11.60
CA ILE B 418 7.38 25.39 -11.34
C ILE B 418 7.67 26.06 -10.00
N ARG B 419 6.96 27.15 -9.69
CA ARG B 419 7.15 27.80 -8.40
C ARG B 419 6.83 26.84 -7.26
N ASP B 420 5.66 26.20 -7.31
CA ASP B 420 5.26 25.35 -6.20
C ASP B 420 6.19 24.15 -6.07
N LEU B 421 6.65 23.58 -7.17
CA LEU B 421 7.60 22.47 -7.09
C LEU B 421 8.87 22.89 -6.38
N ILE B 422 9.43 24.03 -6.76
CA ILE B 422 10.73 24.44 -6.19
C ILE B 422 10.56 24.81 -4.73
N LYS B 423 9.39 25.35 -4.37
CA LYS B 423 9.11 25.70 -2.99
C LYS B 423 8.98 24.45 -2.13
N ARG B 424 8.42 23.37 -2.68
CA ARG B 424 8.17 22.17 -1.91
C ARG B 424 9.45 21.40 -1.63
N ASP B 425 10.34 21.30 -2.61
CA ASP B 425 11.45 20.35 -2.55
C ASP B 425 12.81 21.03 -2.39
N LYS B 426 12.86 22.36 -2.32
CA LYS B 426 14.15 23.08 -2.38
C LYS B 426 15.12 22.65 -1.28
N ASN B 427 14.64 22.20 -0.12
CA ASN B 427 15.55 21.91 1.00
C ASN B 427 16.02 20.46 1.04
N HIS B 428 15.70 19.66 0.05
CA HIS B 428 16.14 18.27 0.04
C HIS B 428 17.57 18.19 -0.47
N PRO B 429 18.50 17.55 0.24
CA PRO B 429 19.87 17.45 -0.29
C PRO B 429 19.94 16.67 -1.58
N SER B 430 18.98 15.78 -1.83
CA SER B 430 19.03 14.87 -2.96
C SER B 430 18.53 15.48 -4.26
N VAL B 431 17.79 16.59 -4.20
CA VAL B 431 17.44 17.27 -5.44
C VAL B 431 18.71 17.89 -6.02
N LEU B 432 19.02 17.54 -7.26
CA LEU B 432 20.22 18.01 -7.93
C LEU B 432 19.95 19.12 -8.94
N ALA B 433 18.79 19.06 -9.59
CA ALA B 433 18.53 19.88 -10.75
C ALA B 433 17.03 19.89 -10.99
N TRP B 434 16.57 20.94 -11.65
CA TRP B 434 15.17 21.08 -11.97
C TRP B 434 14.99 20.88 -13.47
N SER B 435 14.10 19.97 -13.85
CA SER B 435 13.73 19.81 -15.25
C SER B 435 12.43 20.55 -15.49
N LEU B 436 12.44 21.44 -16.49
CA LEU B 436 11.32 22.35 -16.72
C LEU B 436 10.48 21.98 -17.94
N PHE B 437 10.92 21.01 -18.75
CA PHE B 437 10.12 20.42 -19.83
C PHE B 437 10.56 18.98 -20.00
N ASN B 438 9.68 18.18 -20.60
CA ASN B 438 10.11 16.91 -21.13
C ASN B 438 9.72 16.81 -22.60
N GLU B 439 10.71 16.49 -23.44
CA GLU B 439 10.61 16.41 -24.89
C GLU B 439 9.69 17.49 -25.48
N PRO B 440 9.92 18.76 -25.17
CA PRO B 440 9.18 19.82 -25.88
C PRO B 440 9.69 19.92 -27.29
N ASP B 441 8.88 20.54 -28.14
CA ASP B 441 9.27 20.76 -29.53
C ASP B 441 10.22 21.96 -29.60
N THR B 442 11.51 21.70 -29.47
CA THR B 442 12.52 22.76 -29.52
C THR B 442 12.90 23.18 -30.97
N ILE B 443 12.25 22.69 -32.02
CA ILE B 443 12.68 23.01 -33.39
C ILE B 443 11.93 24.21 -33.95
N ASP B 444 10.65 24.29 -33.67
CA ASP B 444 9.85 25.50 -33.75
C ASP B 444 10.62 26.71 -33.23
N GLU B 445 10.84 27.71 -34.09
CA GLU B 445 11.49 28.92 -33.57
C GLU B 445 10.60 29.66 -32.56
N ASN B 446 9.27 29.50 -32.63
CA ASN B 446 8.38 30.11 -31.65
C ASN B 446 8.56 29.52 -30.26
N ALA B 447 9.36 28.48 -30.11
CA ALA B 447 9.60 27.98 -28.77
C ALA B 447 10.55 28.87 -27.98
N VAL B 448 11.31 29.74 -28.65
CA VAL B 448 12.36 30.48 -27.97
C VAL B 448 11.77 31.59 -27.12
N PRO B 449 10.74 32.32 -27.58
CA PRO B 449 10.13 33.30 -26.66
C PRO B 449 9.62 32.65 -25.39
N TYR B 450 9.02 31.47 -25.50
CA TYR B 450 8.48 30.76 -24.34
C TYR B 450 9.59 30.31 -23.41
N PHE B 451 10.64 29.71 -23.95
CA PHE B 451 11.77 29.34 -23.10
C PHE B 451 12.39 30.57 -22.42
N LYS B 452 12.54 31.68 -23.16
CA LYS B 452 13.10 32.87 -22.53
C LYS B 452 12.27 33.28 -21.33
N GLN B 453 10.95 33.26 -21.46
CA GLN B 453 10.08 33.66 -20.36
C GLN B 453 10.22 32.69 -19.18
N ILE B 454 9.99 31.40 -19.41
CA ILE B 454 10.12 30.39 -18.35
C ILE B 454 11.46 30.50 -17.64
N PHE B 455 12.54 30.60 -18.41
CA PHE B 455 13.86 30.62 -17.77
C PHE B 455 14.07 31.92 -17.00
N ASP B 456 13.60 33.05 -17.53
CA ASP B 456 13.74 34.30 -16.81
C ASP B 456 13.00 34.25 -15.49
N GLU B 457 11.76 33.78 -15.52
CA GLU B 457 10.90 33.82 -14.35
C GLU B 457 11.30 32.84 -13.26
N SER B 458 12.20 31.91 -13.54
CA SER B 458 12.61 30.92 -12.56
C SER B 458 14.06 31.05 -12.11
N LYS B 459 14.83 31.97 -12.70
CA LYS B 459 16.25 32.02 -12.41
C LYS B 459 16.57 32.28 -10.94
N ASP B 460 15.60 32.70 -10.11
CA ASP B 460 15.91 33.01 -8.71
C ASP B 460 15.00 32.28 -7.72
N LEU B 461 14.14 31.37 -8.17
CA LEU B 461 13.26 30.67 -7.25
C LEU B 461 14.01 29.80 -6.24
N ASP B 462 15.12 29.17 -6.66
CA ASP B 462 15.85 28.20 -5.84
C ASP B 462 17.02 28.87 -5.14
N PRO B 463 17.00 29.00 -3.80
CA PRO B 463 18.10 29.67 -3.10
C PRO B 463 19.43 28.99 -3.32
N GLN B 464 19.45 27.69 -3.51
CA GLN B 464 20.68 27.02 -3.83
C GLN B 464 21.10 27.21 -5.29
N GLY B 465 20.19 27.71 -6.12
CA GLY B 465 20.55 28.01 -7.50
C GLY B 465 21.14 26.84 -8.24
N ARG B 466 20.60 25.63 -8.01
CA ARG B 466 20.96 24.42 -8.76
C ARG B 466 20.68 24.56 -10.25
N PRO B 467 21.23 23.65 -11.06
CA PRO B 467 21.02 23.72 -12.52
C PRO B 467 19.55 23.50 -12.89
N ARG B 468 19.11 24.24 -13.92
CA ARG B 468 17.78 24.11 -14.52
C ARG B 468 17.92 23.64 -15.97
N THR B 469 17.17 22.62 -16.34
CA THR B 469 17.35 22.04 -17.66
C THR B 469 16.04 21.48 -18.15
N PHE B 470 16.11 20.57 -19.12
CA PHE B 470 14.98 19.88 -19.74
C PHE B 470 15.57 18.80 -20.62
N THR B 471 14.73 17.88 -21.04
CA THR B 471 15.19 16.82 -21.93
C THR B 471 14.99 17.25 -23.38
N LEU B 472 16.00 16.98 -24.20
CA LEU B 472 15.89 17.14 -25.64
C LEU B 472 15.45 15.82 -26.27
N SER B 473 14.33 15.84 -26.99
CA SER B 473 13.88 14.62 -27.65
C SER B 473 14.80 14.26 -28.81
N GLU B 474 14.52 13.09 -29.40
CA GLU B 474 15.37 12.53 -30.45
C GLU B 474 15.41 13.44 -31.68
N ASP B 475 14.29 14.09 -32.00
CA ASP B 475 14.21 14.98 -33.15
C ASP B 475 14.97 16.27 -32.91
N ASP B 476 15.48 16.48 -31.70
CA ASP B 476 15.98 17.75 -31.20
C ASP B 476 17.47 17.61 -30.97
N THR B 477 18.26 17.91 -31.99
CA THR B 477 19.69 17.65 -31.94
C THR B 477 20.47 18.95 -31.94
N ILE B 478 21.80 18.82 -31.90
CA ILE B 478 22.68 19.97 -32.01
C ILE B 478 22.48 20.72 -33.32
N GLU B 479 21.86 20.09 -34.33
CA GLU B 479 21.60 20.75 -35.60
C GLU B 479 20.22 21.38 -35.68
N THR B 480 19.21 20.80 -35.03
CA THR B 480 17.82 21.22 -35.20
C THR B 480 17.22 22.00 -34.03
N SER B 481 17.75 21.87 -32.82
CA SER B 481 17.16 22.59 -31.71
C SER B 481 17.51 24.08 -31.74
N LYS B 482 16.58 24.91 -31.23
CA LYS B 482 16.77 26.34 -31.14
C LYS B 482 17.02 26.83 -29.72
N VAL B 483 16.95 25.97 -28.71
CA VAL B 483 17.00 26.38 -27.31
C VAL B 483 18.27 25.90 -26.62
N LEU B 484 19.34 25.61 -27.37
CA LEU B 484 20.51 25.00 -26.74
C LEU B 484 21.25 25.96 -25.80
N ASP B 485 20.92 27.25 -25.79
CA ASP B 485 21.65 28.18 -24.96
C ASP B 485 21.16 28.21 -23.50
N PHE B 486 19.93 27.71 -23.23
CA PHE B 486 19.25 27.87 -21.94
C PHE B 486 19.68 26.88 -20.85
N PRO B 487 19.65 25.56 -21.10
CA PRO B 487 19.83 24.62 -19.98
C PRO B 487 21.24 24.71 -19.40
N ASP B 488 21.33 24.54 -18.08
CA ASP B 488 22.64 24.63 -17.43
C ASP B 488 23.49 23.40 -17.72
N PHE B 489 22.86 22.24 -17.96
CA PHE B 489 23.50 21.10 -18.59
C PHE B 489 22.49 20.39 -19.49
N TYR B 490 22.99 19.52 -20.36
CA TYR B 490 22.20 18.94 -21.44
C TYR B 490 21.71 17.55 -21.06
N MET B 491 20.42 17.30 -21.32
CA MET B 491 19.77 16.02 -21.10
C MET B 491 19.25 15.53 -22.43
N LEU B 492 19.88 14.49 -22.99
CA LEU B 492 19.53 13.96 -24.31
C LEU B 492 18.69 12.69 -24.18
N ASN B 493 17.61 12.61 -24.96
CA ASN B 493 16.79 11.41 -25.15
C ASN B 493 17.09 10.83 -26.53
N ARG B 494 17.82 9.73 -26.58
CA ARG B 494 18.21 9.15 -27.87
C ARG B 494 17.79 7.69 -27.91
N TYR B 495 17.11 7.28 -28.99
CA TYR B 495 16.68 5.89 -29.12
C TYR B 495 17.13 5.19 -30.41
N PRO B 496 18.37 5.39 -30.88
CA PRO B 496 18.88 4.50 -31.92
C PRO B 496 18.75 3.07 -31.45
N GLY B 497 18.42 2.19 -32.39
CA GLY B 497 18.17 0.81 -32.05
C GLY B 497 16.75 0.50 -31.68
N TRP B 498 15.92 1.51 -31.41
CA TRP B 498 14.51 1.26 -31.13
C TRP B 498 13.59 2.03 -32.08
N TYR B 499 13.50 3.35 -31.96
CA TYR B 499 12.59 4.10 -32.81
C TYR B 499 13.19 4.36 -34.19
N HIS B 500 14.51 4.27 -34.29
CA HIS B 500 15.26 4.46 -35.53
C HIS B 500 16.41 3.45 -35.56
N PHE B 501 16.69 2.92 -36.74
CA PHE B 501 17.83 2.01 -36.92
C PHE B 501 17.70 0.78 -36.03
N GLY B 502 16.49 0.23 -35.93
CA GLY B 502 16.28 -0.96 -35.15
C GLY B 502 16.77 -2.24 -35.83
N GLY B 503 16.97 -3.26 -34.99
CA GLY B 503 17.32 -4.57 -35.50
C GLY B 503 18.73 -4.62 -36.02
N TYR B 504 18.89 -5.25 -37.20
CA TYR B 504 20.20 -5.35 -37.84
C TYR B 504 20.74 -3.99 -38.28
N GLN B 505 19.88 -2.99 -38.48
CA GLN B 505 20.35 -1.62 -38.71
C GLN B 505 21.03 -0.99 -37.49
N ILE B 506 21.02 -1.65 -36.32
CA ILE B 506 21.59 -1.00 -35.14
C ILE B 506 22.99 -0.48 -35.40
N SER B 507 23.75 -1.15 -36.26
CA SER B 507 25.10 -0.67 -36.55
C SER B 507 25.07 0.73 -37.13
N ASP B 508 24.10 1.00 -38.03
CA ASP B 508 23.95 2.35 -38.57
C ASP B 508 23.48 3.34 -37.51
N GLY B 509 22.73 2.87 -36.50
CA GLY B 509 22.28 3.77 -35.47
C GLY B 509 23.41 4.22 -34.55
N GLU B 510 24.32 3.29 -34.21
CA GLU B 510 25.48 3.66 -33.41
C GLU B 510 26.36 4.66 -34.15
N ALA B 511 26.56 4.44 -35.46
CA ALA B 511 27.38 5.35 -36.24
C ALA B 511 26.73 6.73 -36.34
N GLY B 512 25.39 6.77 -36.42
CA GLY B 512 24.70 8.05 -36.50
C GLY B 512 24.65 8.78 -35.17
N LEU B 513 24.61 8.03 -34.06
CA LEU B 513 24.76 8.67 -32.76
C LEU B 513 26.19 9.14 -32.56
N ARG B 514 27.18 8.32 -32.92
CA ARG B 514 28.57 8.79 -32.88
C ARG B 514 28.74 10.02 -33.74
N ASP B 515 27.99 10.12 -34.84
CA ASP B 515 28.10 11.28 -35.71
C ASP B 515 27.57 12.54 -35.02
N GLU B 516 26.44 12.43 -34.31
CA GLU B 516 25.96 13.54 -33.53
C GLU B 516 26.95 13.91 -32.43
N MET B 517 27.42 12.91 -31.67
CA MET B 517 28.35 13.22 -30.59
C MET B 517 29.64 13.83 -31.15
N ASP B 518 30.02 13.46 -32.37
CA ASP B 518 31.14 14.15 -33.02
C ASP B 518 30.84 15.64 -33.21
N LYS B 519 29.62 15.98 -33.60
CA LYS B 519 29.27 17.37 -33.85
C LYS B 519 29.31 18.19 -32.55
N TRP B 520 28.80 17.64 -31.44
CA TRP B 520 28.92 18.33 -30.16
C TRP B 520 30.38 18.61 -29.84
N GLN B 521 31.23 17.60 -30.00
CA GLN B 521 32.65 17.76 -29.69
C GLN B 521 33.28 18.84 -30.54
N LYS B 522 32.95 18.88 -31.83
CA LYS B 522 33.54 19.88 -32.72
C LYS B 522 33.18 21.29 -32.25
N ALA B 523 31.87 21.56 -32.10
CA ALA B 523 31.41 22.83 -31.55
C ALA B 523 31.94 23.07 -30.14
N GLY B 524 32.55 22.07 -29.51
CA GLY B 524 33.17 22.25 -28.21
C GLY B 524 32.17 22.52 -27.10
N VAL B 525 31.51 21.45 -26.65
CA VAL B 525 30.55 21.58 -25.56
C VAL B 525 31.27 22.08 -24.33
N LYS B 526 30.72 23.13 -23.72
CA LYS B 526 31.27 23.63 -22.48
C LYS B 526 30.44 23.23 -21.28
N LYS B 527 29.25 22.65 -21.49
CA LYS B 527 28.42 22.14 -20.40
C LYS B 527 28.42 20.63 -20.39
N PRO B 528 28.12 20.00 -19.26
CA PRO B 528 28.04 18.53 -19.22
C PRO B 528 26.86 18.02 -20.02
N VAL B 529 27.01 16.81 -20.55
CA VAL B 529 25.94 16.10 -21.24
C VAL B 529 25.54 14.88 -20.42
N VAL B 530 24.24 14.68 -20.25
CA VAL B 530 23.69 13.52 -19.56
C VAL B 530 22.66 12.89 -20.48
N PHE B 531 22.82 11.58 -20.74
CA PHE B 531 21.80 10.82 -21.45
C PHE B 531 20.72 10.42 -20.46
N THR B 532 19.48 10.79 -20.74
CA THR B 532 18.39 10.59 -19.81
C THR B 532 17.34 9.62 -20.32
N GLU B 533 17.35 9.28 -21.60
CA GLU B 533 16.52 8.17 -22.06
C GLU B 533 17.24 7.45 -23.19
N PHE B 534 17.07 6.13 -23.21
CA PHE B 534 17.54 5.20 -24.22
C PHE B 534 17.14 3.82 -23.73
N GLY B 535 17.01 2.87 -24.64
CA GLY B 535 16.69 1.52 -24.24
C GLY B 535 15.82 0.82 -25.28
N ALA B 536 15.04 -0.15 -24.81
CA ALA B 536 14.48 -1.17 -25.68
C ALA B 536 13.33 -1.87 -25.00
N ASP B 537 12.12 -1.81 -25.59
CA ASP B 537 11.05 -2.63 -25.09
C ASP B 537 11.48 -4.09 -25.08
N THR B 538 11.19 -4.78 -23.98
CA THR B 538 11.68 -6.13 -23.76
C THR B 538 10.58 -6.90 -23.05
N GLU B 539 10.09 -7.99 -23.66
CA GLU B 539 9.10 -8.83 -23.00
C GLU B 539 9.85 -9.90 -22.21
N ALA B 540 9.81 -9.81 -20.88
CA ALA B 540 10.50 -10.79 -20.05
C ALA B 540 10.15 -12.20 -20.49
N GLY B 541 11.17 -13.05 -20.59
CA GLY B 541 10.96 -14.42 -20.98
C GLY B 541 11.05 -14.66 -22.47
N LEU B 542 11.24 -13.62 -23.26
CA LEU B 542 11.33 -13.73 -24.71
C LEU B 542 12.81 -13.76 -25.09
N HIS B 543 13.27 -14.89 -25.61
CA HIS B 543 14.67 -15.07 -25.94
C HIS B 543 14.82 -15.45 -27.39
N LYS B 544 15.93 -15.01 -27.99
CA LYS B 544 16.25 -15.56 -29.28
C LYS B 544 17.74 -15.41 -29.52
N LEU B 545 18.27 -16.35 -30.28
CA LEU B 545 19.68 -16.36 -30.66
C LEU B 545 19.70 -16.64 -32.16
N PRO B 546 20.16 -15.69 -32.99
CA PRO B 546 20.49 -14.36 -32.48
C PRO B 546 19.23 -13.56 -32.06
N SER B 547 19.47 -12.39 -31.47
CA SER B 547 18.42 -11.58 -30.86
C SER B 547 17.45 -11.00 -31.91
N VAL B 548 16.23 -10.71 -31.46
CA VAL B 548 15.31 -9.87 -32.22
C VAL B 548 14.71 -8.85 -31.27
N MET B 549 14.33 -7.69 -31.82
CA MET B 549 13.72 -6.63 -31.02
C MET B 549 12.62 -7.21 -30.16
N TRP B 550 12.66 -6.89 -28.86
CA TRP B 550 11.71 -7.27 -27.82
C TRP B 550 12.23 -8.41 -26.96
N THR B 551 13.31 -9.07 -27.40
CA THR B 551 13.91 -10.12 -26.58
C THR B 551 14.82 -9.55 -25.52
N GLU B 552 15.03 -10.34 -24.47
CA GLU B 552 15.95 -9.95 -23.41
C GLU B 552 17.36 -9.77 -23.93
N GLU B 553 17.75 -10.56 -24.91
CA GLU B 553 19.09 -10.43 -25.46
C GLU B 553 19.25 -9.12 -26.22
N TYR B 554 18.18 -8.63 -26.84
CA TYR B 554 18.34 -7.41 -27.63
C TYR B 554 18.48 -6.22 -26.73
N GLN B 555 17.74 -6.20 -25.63
CA GLN B 555 17.91 -5.16 -24.62
C GLN B 555 19.38 -5.05 -24.22
N VAL B 556 20.04 -6.18 -23.96
CA VAL B 556 21.42 -6.10 -23.53
C VAL B 556 22.33 -5.60 -24.65
N GLU B 557 22.13 -6.09 -25.87
CA GLU B 557 22.98 -5.64 -26.96
C GLU B 557 22.83 -4.14 -27.13
N VAL B 558 21.62 -3.61 -26.99
CA VAL B 558 21.40 -2.18 -27.15
C VAL B 558 22.10 -1.40 -26.04
N LEU B 559 21.96 -1.86 -24.80
CA LEU B 559 22.61 -1.15 -23.70
C LEU B 559 24.13 -1.22 -23.80
N LYS B 560 24.67 -2.37 -24.20
CA LYS B 560 26.12 -2.44 -24.38
C LYS B 560 26.60 -1.45 -25.43
N MET B 561 25.79 -1.27 -26.47
CA MET B 561 26.13 -0.35 -27.57
C MET B 561 26.17 1.09 -27.08
N PHE B 562 25.14 1.50 -26.33
CA PHE B 562 25.17 2.84 -25.75
C PHE B 562 26.39 3.03 -24.87
N SER B 563 26.66 2.05 -23.99
CA SER B 563 27.82 2.14 -23.10
C SER B 563 29.09 2.40 -23.88
N ARG B 564 29.25 1.73 -25.04
CA ARG B 564 30.44 1.93 -25.85
C ARG B 564 30.53 3.36 -26.36
N VAL B 565 29.39 3.97 -26.69
CA VAL B 565 29.40 5.37 -27.10
C VAL B 565 29.73 6.28 -25.92
N PHE B 566 28.93 6.20 -24.86
CA PHE B 566 29.18 7.03 -23.67
C PHE B 566 30.66 7.01 -23.32
N ASP B 567 31.25 5.82 -23.25
CA ASP B 567 32.62 5.78 -22.76
C ASP B 567 33.60 6.47 -23.69
N ASP B 568 33.23 6.71 -24.95
CA ASP B 568 34.14 7.28 -25.94
C ASP B 568 34.03 8.80 -26.05
N TYR B 569 33.36 9.47 -25.12
CA TYR B 569 33.30 10.93 -25.16
C TYR B 569 33.44 11.48 -23.75
N ASP B 570 34.37 12.41 -23.56
CA ASP B 570 34.67 12.85 -22.20
C ASP B 570 33.58 13.75 -21.63
N PHE B 571 32.81 14.42 -22.47
CA PHE B 571 31.82 15.34 -21.93
C PHE B 571 30.53 14.66 -21.53
N ILE B 572 30.38 13.37 -21.79
CA ILE B 572 29.19 12.64 -21.34
C ILE B 572 29.40 12.27 -19.88
N LYS B 573 28.57 12.85 -19.01
CA LYS B 573 28.81 12.78 -17.58
C LYS B 573 27.79 11.95 -16.83
N GLY B 574 26.94 11.21 -17.52
CA GLY B 574 26.00 10.34 -16.83
C GLY B 574 25.08 9.61 -17.78
N GLU B 575 24.54 8.50 -17.29
CA GLU B 575 23.69 7.63 -18.08
C GLU B 575 22.49 7.27 -17.25
N GLN B 576 21.30 7.72 -17.64
CA GLN B 576 20.07 7.33 -16.98
C GLN B 576 19.18 6.64 -18.00
N VAL B 577 19.06 5.32 -17.86
CA VAL B 577 18.34 4.50 -18.83
C VAL B 577 16.84 4.57 -18.54
N TRP B 578 16.07 4.37 -19.61
CA TRP B 578 14.62 4.30 -19.59
C TRP B 578 14.23 2.85 -19.83
N ASN B 579 13.57 2.21 -18.87
CA ASN B 579 13.05 2.75 -17.63
C ASN B 579 13.55 1.86 -16.48
N LEU B 580 13.27 2.22 -15.22
CA LEU B 580 13.55 1.31 -14.13
C LEU B 580 12.60 0.12 -14.14
N ALA B 581 11.29 0.37 -14.06
CA ALA B 581 10.32 -0.72 -14.16
C ALA B 581 9.43 -0.52 -15.37
N ASP B 582 8.78 -1.60 -15.79
CA ASP B 582 7.70 -1.46 -16.75
C ASP B 582 6.53 -0.71 -16.10
N PHE B 583 5.81 0.07 -16.92
CA PHE B 583 4.76 0.91 -16.37
C PHE B 583 3.59 1.03 -17.34
N GLN B 584 2.43 1.38 -16.77
CA GLN B 584 1.20 1.34 -17.53
C GLN B 584 1.14 2.53 -18.49
N THR B 585 0.25 2.42 -19.46
CA THR B 585 0.29 3.28 -20.63
C THR B 585 -1.12 3.30 -21.22
N VAL B 586 -1.35 4.23 -22.15
CA VAL B 586 -2.60 4.17 -22.91
C VAL B 586 -2.53 3.03 -23.93
N GLU B 587 -3.63 2.26 -24.03
CA GLU B 587 -3.70 1.17 -25.00
C GLU B 587 -3.25 1.65 -26.38
N GLY B 588 -2.52 0.77 -27.08
CA GLY B 588 -2.09 1.09 -28.43
C GLY B 588 -1.38 -0.11 -29.01
N ASN B 589 -1.29 -0.11 -30.34
CA ASN B 589 -0.76 -1.30 -30.99
C ASN B 589 0.75 -1.43 -30.84
N MET B 590 1.46 -0.38 -30.42
CA MET B 590 2.87 -0.48 -30.09
C MET B 590 3.12 -0.68 -28.60
N ARG B 591 2.07 -0.79 -27.78
CA ARG B 591 2.17 -0.86 -26.32
C ARG B 591 1.63 -2.21 -25.88
N VAL B 592 2.55 -3.18 -25.74
CA VAL B 592 2.21 -4.52 -25.28
C VAL B 592 1.77 -4.47 -23.82
N ASN B 593 0.55 -3.99 -23.58
CA ASN B 593 0.07 -3.73 -22.22
C ASN B 593 1.08 -2.90 -21.46
N GLY B 594 1.05 -1.58 -21.65
CA GLY B 594 2.02 -0.71 -21.02
C GLY B 594 3.31 -0.61 -21.80
N ASN B 595 4.23 0.15 -21.23
CA ASN B 595 5.58 0.28 -21.75
C ASN B 595 6.40 -0.86 -21.15
N LYS B 596 7.33 -1.38 -21.93
CA LYS B 596 8.09 -2.55 -21.52
C LYS B 596 9.58 -2.30 -21.61
N LYS B 597 9.99 -1.03 -21.60
CA LYS B 597 11.40 -0.71 -21.68
C LYS B 597 12.14 -0.90 -20.37
N GLY B 598 11.48 -1.42 -19.33
CA GLY B 598 12.09 -1.43 -18.01
C GLY B 598 13.26 -2.40 -17.89
N ILE B 599 14.22 -2.02 -17.06
CA ILE B 599 15.24 -2.95 -16.63
C ILE B 599 14.63 -4.03 -15.75
N PHE B 600 13.59 -3.67 -14.99
CA PHE B 600 12.82 -4.61 -14.19
C PHE B 600 11.37 -4.66 -14.69
N THR B 601 10.70 -5.78 -14.41
CA THR B 601 9.30 -5.90 -14.76
C THR B 601 8.44 -5.05 -13.80
N ARG B 602 7.14 -4.95 -14.14
CA ARG B 602 6.24 -4.18 -13.29
C ARG B 602 6.17 -4.79 -11.89
N ASP B 603 6.34 -6.11 -11.77
CA ASP B 603 6.43 -6.83 -10.51
C ASP B 603 7.76 -6.60 -9.78
N ARG B 604 8.69 -5.83 -10.38
CA ARG B 604 10.00 -5.50 -9.81
C ARG B 604 10.92 -6.71 -9.72
N GLN B 605 10.94 -7.53 -10.79
CA GLN B 605 11.94 -8.57 -10.92
C GLN B 605 12.81 -8.30 -12.15
N PRO B 606 14.06 -8.78 -12.15
CA PRO B 606 15.05 -8.31 -13.15
C PRO B 606 14.95 -9.02 -14.48
N LYS B 607 15.03 -8.23 -15.55
CA LYS B 607 15.34 -8.77 -16.86
C LYS B 607 16.84 -9.01 -16.97
N ALA B 608 17.27 -9.61 -18.08
CA ALA B 608 18.70 -9.87 -18.24
C ALA B 608 19.51 -8.57 -18.17
N ALA B 609 18.92 -7.47 -18.62
CA ALA B 609 19.64 -6.21 -18.61
C ALA B 609 19.97 -5.75 -17.20
N ALA B 610 19.21 -6.18 -16.20
CA ALA B 610 19.52 -5.74 -14.84
C ALA B 610 20.90 -6.23 -14.43
N PHE B 611 21.22 -7.48 -14.73
CA PHE B 611 22.53 -8.00 -14.36
C PHE B 611 23.64 -7.34 -15.17
N PHE B 612 23.35 -6.90 -16.39
CA PHE B 612 24.33 -6.15 -17.14
C PHE B 612 24.73 -4.90 -16.37
N TYR B 613 23.75 -4.08 -15.98
CA TYR B 613 24.07 -2.85 -15.29
C TYR B 613 24.63 -3.14 -13.90
N HIS B 614 24.07 -4.13 -13.21
CA HIS B 614 24.66 -4.52 -11.93
C HIS B 614 26.16 -4.72 -12.04
N ASP B 615 26.64 -5.19 -13.19
CA ASP B 615 28.07 -5.38 -13.36
C ASP B 615 28.75 -4.08 -13.77
N ARG B 616 28.18 -3.35 -14.73
CA ARG B 616 28.86 -2.15 -15.20
C ARG B 616 28.91 -1.09 -14.10
N TRP B 617 27.77 -0.77 -13.49
CA TRP B 617 27.68 0.41 -12.63
C TRP B 617 28.46 0.25 -11.33
N ASN B 618 28.54 -0.96 -10.78
CA ASN B 618 29.35 -1.17 -9.60
C ASN B 618 30.84 -1.29 -9.92
N LYS B 619 31.23 -1.11 -11.17
CA LYS B 619 32.64 -1.02 -11.53
C LYS B 619 33.04 0.40 -11.86
N LEU B 620 32.09 1.26 -12.17
CA LEU B 620 32.40 2.67 -12.40
C LEU B 620 32.47 3.39 -11.06
N PRO B 621 33.57 4.10 -10.78
CA PRO B 621 33.65 4.90 -9.56
C PRO B 621 32.74 6.13 -9.64
N LEU B 622 32.66 6.84 -8.51
CA LEU B 622 31.84 8.04 -8.47
C LEU B 622 32.44 9.13 -9.34
N ASP B 623 33.77 9.28 -9.35
CA ASP B 623 34.44 10.32 -10.12
C ASP B 623 34.88 9.87 -11.51
N TYR B 624 34.16 8.92 -12.12
CA TYR B 624 34.47 8.45 -13.46
C TYR B 624 34.58 9.61 -14.43
N LYS B 625 35.73 9.70 -15.11
CA LYS B 625 36.02 10.76 -16.10
C LYS B 625 36.45 12.07 -15.42
N ALA B 626 37.74 12.28 -15.28
CA ALA B 626 38.22 13.35 -14.43
C ALA B 626 39.76 13.45 -14.44
#